data_3D04
#
_entry.id   3D04
#
_cell.length_a   73.967
_cell.length_b   100.312
_cell.length_c   186.570
_cell.angle_alpha   90.00
_cell.angle_beta   90.00
_cell.angle_gamma   90.00
#
_symmetry.space_group_name_H-M   'P 21 21 21'
#
loop_
_entity.id
_entity.type
_entity.pdbx_description
1 polymer '(3R)-hydroxymyristoyl-acyl carrier protein dehydratase'
2 non-polymer 'CHLORIDE ION'
3 non-polymer BENZAMIDINE
4 non-polymer (2S)-5-hydroxy-2-(4-hydroxyphenyl)-7-methoxy-2,3-dihydro-4H-chromen-4-one
5 water water
#
_entity_poly.entity_id   1
_entity_poly.type   'polypeptide(L)'
_entity_poly.pdbx_seq_one_letter_code
;MEQSHQNLQSQFFIEHILQILPHRYPMLLVDRITELQANQKIVAYKNITFNEDVFNGHFPNKPIFPGVLIVEGMAQSGGF
LAFTSLWGFDPEIAKTKIVYFMTIDKVKFRIPVTPGDRLEYHLEVLKHKGMIWQVGGTAQVDGKVVAEAELKAMIAERE
;
_entity_poly.pdbx_strand_id   A,B,C,D,E,F
#
loop_
_chem_comp.id
_chem_comp.type
_chem_comp.name
_chem_comp.formula
BEN non-polymer BENZAMIDINE 'C7 H8 N2'
CL non-polymer 'CHLORIDE ION' 'Cl -1'
SAK non-polymer (2S)-5-hydroxy-2-(4-hydroxyphenyl)-7-methoxy-2,3-dihydro-4H-chromen-4-one 'C16 H14 O5'
#
# COMPACT_ATOMS: atom_id res chain seq x y z
N LEU A 8 31.78 -20.56 -1.95
CA LEU A 8 30.36 -20.26 -1.65
C LEU A 8 30.15 -20.20 -0.13
N GLN A 9 29.58 -19.08 0.32
CA GLN A 9 29.36 -18.86 1.75
C GLN A 9 28.20 -19.70 2.31
N SER A 10 28.01 -19.63 3.62
CA SER A 10 26.87 -20.31 4.27
C SER A 10 25.88 -19.30 4.85
N GLN A 11 26.32 -18.05 5.02
CA GLN A 11 25.48 -16.96 5.50
C GLN A 11 25.28 -15.86 4.45
N PHE A 12 24.02 -15.50 4.23
CA PHE A 12 23.64 -14.46 3.29
C PHE A 12 22.61 -13.53 3.91
N PHE A 13 22.76 -12.24 3.67
CA PHE A 13 21.86 -11.22 4.20
C PHE A 13 21.02 -10.65 3.05
N ILE A 14 20.05 -9.80 3.38
CA ILE A 14 19.11 -9.28 2.38
C ILE A 14 19.78 -8.68 1.13
N GLU A 15 20.93 -8.04 1.30
CA GLU A 15 21.70 -7.50 0.17
C GLU A 15 21.98 -8.59 -0.88
N HIS A 16 22.35 -9.77 -0.41
CA HIS A 16 22.72 -10.90 -1.25
C HIS A 16 21.52 -11.61 -1.84
N ILE A 17 20.46 -11.73 -1.05
CA ILE A 17 19.19 -12.33 -1.47
C ILE A 17 18.57 -11.54 -2.64
N LEU A 18 18.64 -10.22 -2.56
CA LEU A 18 18.14 -9.33 -3.61
C LEU A 18 18.87 -9.49 -4.94
N GLN A 19 20.13 -9.90 -4.88
CA GLN A 19 20.97 -10.07 -6.07
C GLN A 19 20.74 -11.43 -6.74
N ILE A 20 20.18 -12.38 -5.98
CA ILE A 20 19.94 -13.73 -6.48
C ILE A 20 18.47 -13.92 -6.86
N LEU A 21 17.56 -13.55 -5.97
CA LEU A 21 16.13 -13.73 -6.23
C LEU A 21 15.55 -12.53 -7.00
N PRO A 22 14.64 -12.81 -7.96
CA PRO A 22 13.99 -11.72 -8.68
C PRO A 22 12.76 -11.17 -7.92
N HIS A 23 12.32 -11.90 -6.89
CA HIS A 23 11.20 -11.49 -6.04
C HIS A 23 11.46 -10.13 -5.41
N ARG A 24 10.40 -9.31 -5.37
CA ARG A 24 10.47 -8.00 -4.73
C ARG A 24 9.19 -7.79 -3.91
N TYR A 25 9.13 -6.71 -3.14
CA TYR A 25 7.94 -6.36 -2.36
C TYR A 25 6.67 -6.35 -3.23
N PRO A 26 5.56 -6.95 -2.74
CA PRO A 26 5.36 -7.65 -1.46
C PRO A 26 5.46 -9.18 -1.53
N MET A 27 6.42 -9.69 -2.32
CA MET A 27 6.54 -11.13 -2.54
C MET A 27 7.94 -11.71 -2.33
N LEU A 28 8.85 -10.92 -1.76
CA LEU A 28 10.12 -11.43 -1.30
C LEU A 28 9.98 -11.78 0.18
N LEU A 29 10.00 -13.10 0.44
CA LEU A 29 9.60 -13.62 1.75
C LEU A 29 10.72 -14.39 2.44
N VAL A 30 11.96 -14.02 2.14
CA VAL A 30 13.15 -14.55 2.83
C VAL A 30 14.03 -13.35 3.20
N ASP A 31 14.37 -13.23 4.49
CA ASP A 31 15.13 -12.08 5.00
C ASP A 31 16.62 -12.35 5.21
N ARG A 32 16.96 -13.58 5.57
CA ARG A 32 18.34 -13.95 5.86
C ARG A 32 18.55 -15.43 5.68
N ILE A 33 19.76 -15.82 5.30
CA ILE A 33 20.15 -17.22 5.17
C ILE A 33 21.23 -17.54 6.20
N THR A 34 20.99 -18.55 7.04
CA THR A 34 21.88 -18.87 8.14
C THR A 34 22.78 -20.09 7.89
N GLU A 35 22.32 -20.99 7.01
CA GLU A 35 23.07 -22.18 6.63
C GLU A 35 22.83 -22.47 5.16
N LEU A 36 23.90 -22.78 4.45
CA LEU A 36 23.82 -23.16 3.05
C LEU A 36 24.85 -24.24 2.78
N GLN A 37 24.37 -25.40 2.36
CA GLN A 37 25.23 -26.50 1.89
C GLN A 37 24.82 -26.88 0.48
N ALA A 38 25.70 -26.64 -0.49
CA ALA A 38 25.42 -26.85 -1.92
C ALA A 38 24.89 -28.26 -2.20
N ASN A 39 23.83 -28.33 -3.01
CA ASN A 39 23.17 -29.59 -3.40
C ASN A 39 22.60 -30.40 -2.24
N GLN A 40 22.57 -29.80 -1.05
CA GLN A 40 22.15 -30.55 0.14
C GLN A 40 21.05 -29.86 0.93
N LYS A 41 21.34 -28.66 1.43
CA LYS A 41 20.39 -27.95 2.28
C LYS A 41 20.59 -26.44 2.44
N ILE A 42 19.50 -25.80 2.89
CA ILE A 42 19.48 -24.40 3.24
C ILE A 42 18.64 -24.21 4.52
N VAL A 43 19.12 -23.34 5.41
CA VAL A 43 18.34 -22.86 6.53
C VAL A 43 18.30 -21.34 6.39
N ALA A 44 17.08 -20.83 6.23
CA ALA A 44 16.86 -19.39 6.11
C ALA A 44 15.68 -19.00 6.99
N TYR A 45 15.38 -17.71 7.05
CA TYR A 45 14.21 -17.26 7.78
C TYR A 45 13.62 -15.97 7.26
N LYS A 46 12.36 -15.76 7.63
CA LYS A 46 11.67 -14.50 7.41
C LYS A 46 11.10 -14.06 8.75
N ASN A 47 11.35 -12.80 9.11
CA ASN A 47 10.72 -12.23 10.30
C ASN A 47 9.26 -11.91 10.03
N ILE A 48 8.41 -12.17 11.01
CA ILE A 48 6.99 -11.85 10.89
C ILE A 48 6.67 -10.68 11.81
N THR A 49 6.17 -9.60 11.23
CA THR A 49 5.82 -8.37 11.95
C THR A 49 4.38 -7.95 11.65
N PHE A 50 3.74 -7.22 12.55
CA PHE A 50 2.39 -6.71 12.30
C PHE A 50 2.39 -5.71 11.14
N ASN A 51 3.52 -5.02 10.98
CA ASN A 51 3.70 -3.99 9.95
C ASN A 51 3.81 -4.53 8.50
N GLU A 52 3.02 -5.56 8.20
CA GLU A 52 2.95 -6.11 6.85
C GLU A 52 1.54 -5.96 6.32
N ASP A 53 1.43 -5.59 5.05
CA ASP A 53 0.14 -5.28 4.45
C ASP A 53 -0.79 -6.50 4.49
N VAL A 54 -0.22 -7.69 4.32
CA VAL A 54 -0.95 -8.94 4.35
C VAL A 54 -1.89 -9.09 5.57
N PHE A 55 -1.48 -8.60 6.72
CA PHE A 55 -2.28 -8.72 7.95
C PHE A 55 -3.51 -7.80 8.00
N ASN A 56 -3.57 -6.81 7.10
CA ASN A 56 -4.78 -6.01 6.94
C ASN A 56 -5.97 -6.89 6.58
N GLY A 57 -5.71 -7.94 5.79
CA GLY A 57 -6.77 -8.82 5.33
C GLY A 57 -6.83 -10.22 5.89
N HIS A 58 -5.82 -10.63 6.63
CA HIS A 58 -5.68 -12.02 7.07
C HIS A 58 -5.24 -12.14 8.54
N PHE A 59 -6.10 -11.82 9.50
CA PHE A 59 -7.46 -11.31 9.32
C PHE A 59 -7.62 -10.05 10.20
N PRO A 60 -8.65 -9.21 9.92
CA PRO A 60 -8.88 -8.08 10.83
C PRO A 60 -9.00 -8.54 12.29
N ASN A 61 -8.27 -7.87 13.18
CA ASN A 61 -8.21 -8.21 14.62
C ASN A 61 -7.61 -9.58 14.97
N LYS A 62 -7.15 -10.31 13.95
CA LYS A 62 -6.57 -11.64 14.15
C LYS A 62 -5.47 -11.92 13.11
N PRO A 63 -4.30 -11.28 13.27
CA PRO A 63 -3.20 -11.46 12.30
C PRO A 63 -2.61 -12.89 12.25
N ILE A 64 -2.91 -13.61 11.18
CA ILE A 64 -2.34 -14.94 10.93
C ILE A 64 -1.59 -14.90 9.60
N PHE A 65 -0.31 -15.25 9.62
CA PHE A 65 0.48 -15.30 8.40
C PHE A 65 -0.01 -16.44 7.50
N PRO A 66 -0.48 -16.11 6.28
CA PRO A 66 -1.04 -17.12 5.35
C PRO A 66 -0.13 -18.33 5.14
N GLY A 67 -0.68 -19.52 5.40
CA GLY A 67 -0.02 -20.78 5.11
C GLY A 67 0.60 -20.87 3.74
N VAL A 68 -0.09 -20.38 2.71
CA VAL A 68 0.43 -20.43 1.34
C VAL A 68 1.67 -19.55 1.17
N LEU A 69 1.79 -18.52 2.01
CA LEU A 69 2.97 -17.66 1.99
C LEU A 69 4.15 -18.29 2.72
N ILE A 70 3.87 -19.15 3.70
CA ILE A 70 4.88 -19.99 4.34
C ILE A 70 5.49 -20.91 3.28
N VAL A 71 4.62 -21.53 2.49
CA VAL A 71 5.03 -22.43 1.42
C VAL A 71 5.87 -21.69 0.39
N GLU A 72 5.39 -20.51 -0.01
CA GLU A 72 6.10 -19.62 -0.94
C GLU A 72 7.51 -19.27 -0.44
N GLY A 73 7.61 -18.99 0.86
CA GLY A 73 8.90 -18.68 1.48
C GLY A 73 9.86 -19.85 1.48
N MET A 74 9.32 -21.05 1.68
CA MET A 74 10.09 -22.30 1.57
C MET A 74 10.59 -22.51 0.13
N ALA A 75 9.74 -22.24 -0.85
CA ALA A 75 10.08 -22.33 -2.27
C ALA A 75 11.19 -21.37 -2.69
N GLN A 76 11.14 -20.13 -2.20
CA GLN A 76 12.17 -19.14 -2.47
C GLN A 76 13.53 -19.54 -1.88
N SER A 77 13.51 -20.09 -0.67
CA SER A 77 14.69 -20.68 -0.04
C SER A 77 15.28 -21.81 -0.91
N GLY A 78 14.44 -22.77 -1.26
CA GLY A 78 14.77 -23.83 -2.21
C GLY A 78 15.34 -23.34 -3.54
N GLY A 79 14.70 -22.32 -4.12
CA GLY A 79 15.20 -21.68 -5.33
C GLY A 79 16.57 -21.02 -5.20
N PHE A 80 16.82 -20.37 -4.05
CA PHE A 80 18.14 -19.80 -3.75
C PHE A 80 19.18 -20.91 -3.70
N LEU A 81 18.83 -22.00 -3.00
CA LEU A 81 19.70 -23.16 -2.87
C LEU A 81 20.01 -23.79 -4.23
N ALA A 82 18.97 -24.02 -5.03
CA ALA A 82 19.12 -24.59 -6.37
C ALA A 82 20.07 -23.78 -7.24
N PHE A 83 19.84 -22.47 -7.32
CA PHE A 83 20.65 -21.61 -8.17
C PHE A 83 22.11 -21.58 -7.71
N THR A 84 22.33 -21.29 -6.43
CA THR A 84 23.69 -21.18 -5.89
C THR A 84 24.46 -22.50 -5.88
N SER A 85 23.74 -23.61 -5.80
CA SER A 85 24.35 -24.95 -5.95
C SER A 85 24.99 -25.13 -7.32
N LEU A 86 24.40 -24.50 -8.33
CA LEU A 86 24.83 -24.65 -9.72
C LEU A 86 25.76 -23.56 -10.21
N TRP A 87 25.54 -22.32 -9.77
CA TRP A 87 26.33 -21.19 -10.26
C TRP A 87 27.11 -20.46 -9.19
N GLY A 88 26.92 -20.84 -7.93
CA GLY A 88 27.47 -20.10 -6.80
C GLY A 88 26.83 -18.72 -6.72
N PHE A 89 27.46 -17.82 -5.98
CA PHE A 89 26.95 -16.45 -5.88
C PHE A 89 27.28 -15.67 -7.14
N ASP A 90 26.41 -15.80 -8.14
CA ASP A 90 26.58 -15.16 -9.43
C ASP A 90 25.37 -14.28 -9.78
N PRO A 91 25.39 -13.01 -9.34
CA PRO A 91 24.30 -12.07 -9.63
C PRO A 91 24.00 -11.86 -11.12
N GLU A 92 25.04 -11.82 -11.95
CA GLU A 92 24.89 -11.58 -13.40
C GLU A 92 24.04 -12.67 -14.09
N ILE A 93 24.32 -13.93 -13.75
CA ILE A 93 23.56 -15.07 -14.26
C ILE A 93 22.18 -15.19 -13.59
N ALA A 94 22.13 -14.92 -12.28
CA ALA A 94 20.88 -14.92 -11.52
C ALA A 94 19.80 -14.07 -12.19
N LYS A 95 20.25 -12.97 -12.78
CA LYS A 95 19.41 -11.99 -13.49
C LYS A 95 18.79 -12.56 -14.77
N THR A 96 19.29 -13.70 -15.24
CA THR A 96 18.87 -14.28 -16.52
C THR A 96 18.04 -15.56 -16.31
N LYS A 97 17.94 -15.98 -15.05
CA LYS A 97 17.26 -17.19 -14.65
C LYS A 97 16.09 -16.89 -13.74
N ILE A 98 15.12 -17.79 -13.72
CA ILE A 98 13.95 -17.68 -12.85
C ILE A 98 13.51 -19.09 -12.46
N VAL A 99 13.18 -19.27 -11.18
CA VAL A 99 12.75 -20.57 -10.66
C VAL A 99 11.23 -20.62 -10.61
N TYR A 100 10.65 -21.66 -11.22
CA TYR A 100 9.20 -21.87 -11.21
C TYR A 100 8.80 -23.10 -10.40
N PHE A 101 7.67 -22.99 -9.70
CA PHE A 101 6.95 -24.12 -9.10
C PHE A 101 6.41 -25.03 -10.19
N MET A 102 6.72 -26.31 -10.11
CA MET A 102 6.05 -27.27 -10.97
C MET A 102 4.96 -27.97 -10.14
N THR A 103 5.35 -28.46 -8.97
CA THR A 103 4.45 -29.19 -8.08
C THR A 103 4.67 -28.82 -6.61
N ILE A 104 3.63 -29.04 -5.81
CA ILE A 104 3.68 -28.93 -4.36
C ILE A 104 2.90 -30.12 -3.79
N ASP A 105 3.50 -30.83 -2.84
CA ASP A 105 2.88 -32.02 -2.24
C ASP A 105 3.10 -32.08 -0.75
N LYS A 106 2.25 -32.84 -0.06
CA LYS A 106 2.44 -33.18 1.36
C LYS A 106 2.59 -31.93 2.25
N VAL A 107 1.77 -30.92 1.98
CA VAL A 107 1.75 -29.70 2.76
C VAL A 107 0.90 -29.92 3.99
N LYS A 108 1.44 -29.54 5.15
CA LYS A 108 0.74 -29.73 6.40
C LYS A 108 0.93 -28.46 7.24
N PHE A 109 -0.18 -27.86 7.66
CA PHE A 109 -0.12 -26.72 8.58
C PHE A 109 -0.45 -27.16 10.00
N ARG A 110 0.53 -27.00 10.90
CA ARG A 110 0.44 -27.52 12.26
C ARG A 110 0.19 -26.44 13.31
N ILE A 111 0.85 -25.29 13.14
CA ILE A 111 0.76 -24.18 14.11
C ILE A 111 0.64 -22.84 13.36
N PRO A 112 -0.29 -21.96 13.80
CA PRO A 112 -0.41 -20.64 13.19
C PRO A 112 0.81 -19.74 13.43
N VAL A 113 1.18 -19.00 12.39
CA VAL A 113 2.29 -18.05 12.44
C VAL A 113 1.74 -16.62 12.63
N THR A 114 2.31 -15.89 13.58
CA THR A 114 1.81 -14.59 13.99
C THR A 114 2.92 -13.55 14.12
N PRO A 115 2.58 -12.23 14.06
CA PRO A 115 3.57 -11.17 14.33
C PRO A 115 4.41 -11.44 15.58
N GLY A 116 5.71 -11.18 15.49
CA GLY A 116 6.65 -11.51 16.55
C GLY A 116 7.38 -12.81 16.31
N ASP A 117 6.86 -13.62 15.39
CA ASP A 117 7.47 -14.92 15.06
C ASP A 117 8.65 -14.78 14.11
N ARG A 118 9.61 -15.67 14.28
CA ARG A 118 10.73 -15.79 13.38
C ARG A 118 10.49 -17.07 12.59
N LEU A 119 10.05 -16.91 11.34
CA LEU A 119 9.70 -18.06 10.51
C LEU A 119 10.93 -18.64 9.81
N GLU A 120 11.41 -19.76 10.34
CA GLU A 120 12.62 -20.42 9.87
C GLU A 120 12.34 -21.52 8.85
N TYR A 121 12.92 -21.38 7.66
CA TYR A 121 12.78 -22.36 6.58
C TYR A 121 13.91 -23.38 6.58
N HIS A 122 13.56 -24.65 6.63
CA HIS A 122 14.51 -25.75 6.58
C HIS A 122 14.20 -26.58 5.34
N LEU A 123 15.03 -26.46 4.32
CA LEU A 123 14.84 -27.22 3.08
C LEU A 123 16.01 -28.15 2.82
N GLU A 124 15.69 -29.38 2.44
CA GLU A 124 16.69 -30.38 2.07
C GLU A 124 16.48 -30.76 0.61
N VAL A 125 17.57 -31.08 -0.09
CA VAL A 125 17.49 -31.52 -1.48
C VAL A 125 17.21 -33.02 -1.57
N LEU A 126 16.03 -33.36 -2.09
CA LEU A 126 15.60 -34.75 -2.22
C LEU A 126 16.09 -35.36 -3.53
N LYS A 127 16.07 -34.56 -4.59
CA LYS A 127 16.56 -34.97 -5.91
C LYS A 127 16.91 -33.74 -6.75
N HIS A 128 17.96 -33.85 -7.54
CA HIS A 128 18.28 -32.83 -8.53
C HIS A 128 18.93 -33.43 -9.77
N LYS A 129 18.44 -33.02 -10.93
CA LYS A 129 19.02 -33.39 -12.20
C LYS A 129 18.92 -32.16 -13.10
N GLY A 130 20.06 -31.53 -13.36
CA GLY A 130 20.09 -30.34 -14.17
C GLY A 130 19.32 -29.19 -13.55
N MET A 131 18.31 -28.72 -14.27
CA MET A 131 17.53 -27.55 -13.87
C MET A 131 16.34 -27.93 -12.99
N ILE A 132 16.08 -29.23 -12.87
CA ILE A 132 14.95 -29.76 -12.09
C ILE A 132 15.39 -30.10 -10.66
N TRP A 133 14.71 -29.51 -9.69
CA TRP A 133 15.05 -29.67 -8.28
C TRP A 133 13.85 -30.04 -7.41
N GLN A 134 13.97 -31.15 -6.69
CA GLN A 134 12.97 -31.54 -5.69
C GLN A 134 13.52 -31.29 -4.30
N VAL A 135 12.79 -30.47 -3.54
CA VAL A 135 13.15 -30.15 -2.17
C VAL A 135 11.97 -30.42 -1.25
N GLY A 136 12.28 -30.71 0.01
CA GLY A 136 11.28 -30.94 1.03
C GLY A 136 11.84 -30.43 2.34
N GLY A 137 10.96 -30.17 3.30
CA GLY A 137 11.41 -29.68 4.58
C GLY A 137 10.29 -29.08 5.40
N THR A 138 10.66 -28.15 6.27
CA THR A 138 9.74 -27.61 7.25
C THR A 138 9.91 -26.10 7.42
N ALA A 139 8.87 -25.47 7.96
CA ALA A 139 8.97 -24.13 8.50
C ALA A 139 8.85 -24.27 10.02
N GLN A 140 9.75 -23.60 10.72
CA GLN A 140 9.84 -23.72 12.17
C GLN A 140 9.81 -22.38 12.88
N VAL A 141 9.20 -22.38 14.07
CA VAL A 141 9.19 -21.23 14.95
C VAL A 141 9.61 -21.71 16.33
N ASP A 142 10.70 -21.14 16.85
CA ASP A 142 11.25 -21.53 18.15
C ASP A 142 11.40 -23.06 18.31
N GLY A 143 11.95 -23.69 17.27
CA GLY A 143 12.24 -25.11 17.29
C GLY A 143 11.08 -26.05 16.99
N LYS A 144 9.87 -25.50 16.87
CA LYS A 144 8.67 -26.29 16.56
C LYS A 144 8.26 -26.20 15.09
N VAL A 145 7.84 -27.34 14.53
CA VAL A 145 7.40 -27.41 13.15
C VAL A 145 6.01 -26.81 13.01
N VAL A 146 5.91 -25.72 12.26
CA VAL A 146 4.63 -25.05 12.04
C VAL A 146 4.02 -25.47 10.69
N ALA A 147 4.88 -25.93 9.78
CA ALA A 147 4.47 -26.39 8.45
C ALA A 147 5.48 -27.35 7.85
N GLU A 148 5.01 -28.18 6.93
CA GLU A 148 5.82 -29.12 6.16
C GLU A 148 5.40 -28.99 4.71
N ALA A 149 6.33 -29.22 3.80
CA ALA A 149 6.02 -29.18 2.37
C ALA A 149 7.08 -29.89 1.54
N GLU A 150 6.65 -30.41 0.39
CA GLU A 150 7.54 -30.87 -0.66
C GLU A 150 7.18 -30.16 -1.95
N LEU A 151 8.20 -29.77 -2.70
CA LEU A 151 7.98 -29.10 -3.97
C LEU A 151 9.06 -29.44 -5.00
N LYS A 152 8.65 -29.39 -6.26
CA LYS A 152 9.53 -29.62 -7.38
C LYS A 152 9.58 -28.31 -8.15
N ALA A 153 10.80 -27.81 -8.36
CA ALA A 153 11.00 -26.53 -9.01
C ALA A 153 11.83 -26.68 -10.28
N MET A 154 11.67 -25.70 -11.15
CA MET A 154 12.35 -25.68 -12.44
C MET A 154 13.14 -24.38 -12.53
N ILE A 155 14.42 -24.50 -12.88
CA ILE A 155 15.23 -23.32 -13.16
C ILE A 155 15.08 -23.02 -14.64
N ALA A 156 14.35 -21.96 -14.94
CA ALA A 156 13.98 -21.62 -16.30
C ALA A 156 14.65 -20.34 -16.73
N GLU A 157 14.69 -20.14 -18.04
CA GLU A 157 15.10 -18.87 -18.62
C GLU A 157 14.11 -17.79 -18.23
N ARG A 158 14.63 -16.61 -17.92
CA ARG A 158 13.77 -15.46 -17.66
C ARG A 158 13.18 -14.92 -18.98
N GLU A 159 13.91 -15.13 -20.09
CA GLU A 159 13.44 -14.74 -21.43
C GLU A 159 13.61 -15.84 -22.48
N SER B 10 -27.02 -20.23 -6.10
CA SER B 10 -26.27 -20.36 -7.39
C SER B 10 -25.22 -19.24 -7.54
N GLN B 11 -25.67 -18.01 -7.82
CA GLN B 11 -24.75 -16.88 -7.98
C GLN B 11 -24.60 -15.99 -6.75
N PHE B 12 -23.36 -15.82 -6.32
CA PHE B 12 -23.02 -14.92 -5.21
C PHE B 12 -22.06 -13.86 -5.72
N PHE B 13 -22.31 -12.62 -5.31
CA PHE B 13 -21.49 -11.50 -5.72
C PHE B 13 -20.60 -11.07 -4.56
N ILE B 14 -19.66 -10.18 -4.83
CA ILE B 14 -18.67 -9.77 -3.83
C ILE B 14 -19.28 -9.43 -2.45
N GLU B 15 -20.43 -8.75 -2.45
CA GLU B 15 -21.12 -8.38 -1.22
C GLU B 15 -21.52 -9.59 -0.38
N HIS B 16 -21.95 -10.65 -1.06
CA HIS B 16 -22.31 -11.91 -0.40
C HIS B 16 -21.07 -12.61 0.12
N ILE B 17 -20.03 -12.65 -0.72
CA ILE B 17 -18.75 -13.25 -0.35
C ILE B 17 -18.19 -12.60 0.93
N LEU B 18 -18.19 -11.27 0.98
CA LEU B 18 -17.72 -10.49 2.13
C LEU B 18 -18.42 -10.83 3.45
N GLN B 19 -19.69 -11.22 3.37
CA GLN B 19 -20.48 -11.60 4.53
C GLN B 19 -20.18 -13.02 5.04
N ILE B 20 -19.63 -13.88 4.17
CA ILE B 20 -19.31 -15.27 4.53
C ILE B 20 -17.84 -15.44 4.93
N LEU B 21 -16.93 -14.94 4.09
CA LEU B 21 -15.49 -15.08 4.34
C LEU B 21 -14.96 -13.91 5.19
N PRO B 22 -14.07 -14.21 6.16
CA PRO B 22 -13.44 -13.18 6.99
C PRO B 22 -12.29 -12.44 6.29
N HIS B 23 -11.82 -12.99 5.19
CA HIS B 23 -10.72 -12.44 4.40
C HIS B 23 -11.07 -11.06 3.88
N ARG B 24 -10.10 -10.16 3.97
CA ARG B 24 -10.24 -8.82 3.44
C ARG B 24 -9.00 -8.49 2.61
N TYR B 25 -8.97 -7.30 2.00
CA TYR B 25 -7.83 -6.87 1.21
C TYR B 25 -6.55 -6.90 2.07
N PRO B 26 -5.42 -7.36 1.50
CA PRO B 26 -5.21 -7.87 0.13
C PRO B 26 -5.20 -9.40 0.05
N MET B 27 -6.07 -10.05 0.81
CA MET B 27 -6.12 -11.51 0.88
C MET B 27 -7.50 -12.13 0.59
N LEU B 28 -8.46 -11.35 0.10
CA LEU B 28 -9.71 -11.92 -0.43
C LEU B 28 -9.58 -12.14 -1.93
N LEU B 29 -9.46 -13.41 -2.32
CA LEU B 29 -9.06 -13.78 -3.69
C LEU B 29 -10.15 -14.53 -4.49
N VAL B 30 -11.40 -14.21 -4.19
CA VAL B 30 -12.57 -14.71 -4.92
C VAL B 30 -13.45 -13.51 -5.16
N ASP B 31 -13.81 -13.26 -6.42
CA ASP B 31 -14.66 -12.10 -6.78
C ASP B 31 -16.14 -12.41 -6.97
N ARG B 32 -16.43 -13.62 -7.45
CA ARG B 32 -17.80 -14.00 -7.79
C ARG B 32 -17.96 -15.51 -7.79
N ILE B 33 -19.09 -15.98 -7.29
CA ILE B 33 -19.46 -17.39 -7.33
C ILE B 33 -20.54 -17.59 -8.39
N THR B 34 -20.22 -18.35 -9.44
CA THR B 34 -21.16 -18.57 -10.55
C THR B 34 -21.99 -19.83 -10.38
N GLU B 35 -21.51 -20.78 -9.59
CA GLU B 35 -22.20 -22.06 -9.43
C GLU B 35 -21.93 -22.70 -8.07
N LEU B 36 -22.97 -23.23 -7.45
CA LEU B 36 -22.86 -23.87 -6.14
C LEU B 36 -23.89 -24.98 -5.93
N GLN B 37 -23.41 -26.22 -5.79
CA GLN B 37 -24.24 -27.37 -5.44
C GLN B 37 -23.82 -27.83 -4.06
N ALA B 38 -24.73 -27.79 -3.11
CA ALA B 38 -24.43 -28.18 -1.72
C ALA B 38 -23.86 -29.60 -1.64
N ASN B 39 -22.81 -29.75 -0.83
CA ASN B 39 -22.10 -31.02 -0.63
C ASN B 39 -21.39 -31.58 -1.87
N GLN B 40 -21.46 -30.85 -3.00
CA GLN B 40 -21.00 -31.37 -4.28
C GLN B 40 -19.89 -30.55 -4.96
N LYS B 41 -20.22 -29.35 -5.43
CA LYS B 41 -19.24 -28.55 -6.17
C LYS B 41 -19.47 -27.03 -6.15
N ILE B 42 -18.40 -26.31 -6.47
CA ILE B 42 -18.44 -24.85 -6.63
C ILE B 42 -17.66 -24.45 -7.88
N VAL B 43 -18.18 -23.47 -8.61
CA VAL B 43 -17.41 -22.77 -9.62
C VAL B 43 -17.40 -21.29 -9.21
N ALA B 44 -16.20 -20.73 -9.08
CA ALA B 44 -16.03 -19.34 -8.70
C ALA B 44 -14.88 -18.76 -9.51
N TYR B 45 -14.71 -17.44 -9.46
CA TYR B 45 -13.57 -16.82 -10.13
C TYR B 45 -13.00 -15.56 -9.45
N LYS B 46 -11.76 -15.26 -9.81
CA LYS B 46 -11.09 -14.03 -9.46
C LYS B 46 -10.57 -13.44 -10.77
N ASN B 47 -10.90 -12.18 -11.02
CA ASN B 47 -10.32 -11.44 -12.13
C ASN B 47 -8.87 -11.06 -11.83
N ILE B 48 -8.00 -11.21 -12.82
CA ILE B 48 -6.61 -10.83 -12.66
C ILE B 48 -6.34 -9.56 -13.45
N THR B 49 -5.82 -8.55 -12.76
CA THR B 49 -5.56 -7.25 -13.36
C THR B 49 -4.14 -6.79 -12.98
N PHE B 50 -3.55 -5.92 -13.79
CA PHE B 50 -2.24 -5.34 -13.44
C PHE B 50 -2.32 -4.51 -12.16
N ASN B 51 -3.51 -3.97 -11.90
CA ASN B 51 -3.73 -3.05 -10.79
C ASN B 51 -3.77 -3.72 -9.41
N GLU B 52 -2.91 -4.70 -9.22
CA GLU B 52 -2.83 -5.45 -7.97
C GLU B 52 -1.42 -5.30 -7.42
N ASP B 53 -1.34 -4.98 -6.12
CA ASP B 53 -0.08 -4.75 -5.44
C ASP B 53 0.92 -5.90 -5.61
N VAL B 54 0.42 -7.15 -5.62
CA VAL B 54 1.26 -8.35 -5.82
C VAL B 54 2.23 -8.22 -6.99
N PHE B 55 1.77 -7.60 -8.08
CA PHE B 55 2.54 -7.53 -9.31
C PHE B 55 3.76 -6.61 -9.24
N ASN B 56 3.82 -5.77 -8.22
CA ASN B 56 5.01 -4.96 -7.97
C ASN B 56 6.24 -5.84 -7.72
N GLY B 57 6.05 -7.02 -7.15
CA GLY B 57 7.17 -7.89 -6.81
C GLY B 57 7.18 -9.28 -7.41
N HIS B 58 6.15 -9.59 -8.20
CA HIS B 58 6.01 -10.90 -8.78
C HIS B 58 5.55 -10.83 -10.24
N PHE B 59 6.42 -10.40 -11.16
CA PHE B 59 7.77 -9.92 -10.88
C PHE B 59 7.91 -8.56 -11.55
N PRO B 60 8.89 -7.73 -11.14
CA PRO B 60 9.14 -6.48 -11.87
C PRO B 60 9.38 -6.73 -13.37
N ASN B 61 8.65 -6.02 -14.24
CA ASN B 61 8.74 -6.19 -15.71
C ASN B 61 8.27 -7.56 -16.24
N LYS B 62 7.69 -8.40 -15.37
CA LYS B 62 7.05 -9.65 -15.80
C LYS B 62 5.93 -10.06 -14.82
N PRO B 63 4.72 -9.52 -15.00
CA PRO B 63 3.60 -9.80 -14.07
C PRO B 63 3.03 -11.24 -14.18
N ILE B 64 3.24 -12.03 -13.13
CA ILE B 64 2.75 -13.39 -13.05
C ILE B 64 2.06 -13.62 -11.72
N PHE B 65 0.79 -14.02 -11.78
CA PHE B 65 0.02 -14.28 -10.57
C PHE B 65 0.61 -15.47 -9.82
N PRO B 66 1.01 -15.27 -8.55
CA PRO B 66 1.67 -16.33 -7.79
C PRO B 66 0.84 -17.60 -7.72
N GLY B 67 1.48 -18.74 -8.00
CA GLY B 67 0.85 -20.05 -7.93
C GLY B 67 0.25 -20.38 -6.57
N VAL B 68 0.91 -19.96 -5.49
CA VAL B 68 0.39 -20.19 -4.14
C VAL B 68 -0.90 -19.41 -3.88
N LEU B 69 -1.08 -18.29 -4.57
CA LEU B 69 -2.28 -17.47 -4.43
C LEU B 69 -3.44 -18.04 -5.23
N ILE B 70 -3.11 -18.78 -6.30
CA ILE B 70 -4.08 -19.60 -7.01
C ILE B 70 -4.67 -20.66 -6.06
N VAL B 71 -3.77 -21.39 -5.40
CA VAL B 71 -4.15 -22.40 -4.39
C VAL B 71 -4.98 -21.77 -3.28
N GLU B 72 -4.55 -20.60 -2.80
CA GLU B 72 -5.29 -19.83 -1.80
C GLU B 72 -6.73 -19.51 -2.25
N GLY B 73 -6.89 -19.11 -3.51
CA GLY B 73 -8.20 -18.82 -4.09
C GLY B 73 -9.07 -20.05 -4.17
N MET B 74 -8.45 -21.19 -4.47
CA MET B 74 -9.12 -22.49 -4.50
C MET B 74 -9.58 -22.90 -3.11
N ALA B 75 -8.71 -22.69 -2.10
CA ALA B 75 -9.04 -22.93 -0.70
C ALA B 75 -10.23 -22.08 -0.25
N GLN B 76 -10.18 -20.79 -0.57
CA GLN B 76 -11.26 -19.88 -0.23
C GLN B 76 -12.59 -20.28 -0.88
N SER B 77 -12.52 -20.75 -2.12
CA SER B 77 -13.70 -21.29 -2.83
C SER B 77 -14.23 -22.54 -2.13
N GLY B 78 -13.32 -23.48 -1.85
CA GLY B 78 -13.66 -24.72 -1.15
C GLY B 78 -14.21 -24.52 0.24
N GLY B 79 -13.66 -23.54 0.96
CA GLY B 79 -14.17 -23.17 2.28
C GLY B 79 -15.58 -22.58 2.22
N PHE B 80 -15.84 -21.78 1.19
CA PHE B 80 -17.17 -21.24 0.93
C PHE B 80 -18.17 -22.35 0.62
N LEU B 81 -17.76 -23.31 -0.19
CA LEU B 81 -18.54 -24.51 -0.49
C LEU B 81 -18.92 -25.26 0.78
N ALA B 82 -17.92 -25.61 1.59
CA ALA B 82 -18.14 -26.34 2.83
C ALA B 82 -19.07 -25.60 3.80
N PHE B 83 -18.82 -24.30 3.97
CA PHE B 83 -19.64 -23.53 4.91
C PHE B 83 -21.11 -23.44 4.48
N THR B 84 -21.36 -23.02 3.25
CA THR B 84 -22.72 -22.82 2.76
C THR B 84 -23.48 -24.14 2.60
N SER B 85 -22.73 -25.23 2.38
CA SER B 85 -23.34 -26.57 2.32
C SER B 85 -24.06 -26.90 3.62
N LEU B 86 -23.44 -26.53 4.74
CA LEU B 86 -23.91 -26.89 6.06
C LEU B 86 -24.92 -25.88 6.62
N TRP B 87 -24.65 -24.59 6.40
CA TRP B 87 -25.41 -23.51 7.03
C TRP B 87 -26.07 -22.55 6.04
N GLY B 88 -25.78 -22.72 4.75
CA GLY B 88 -26.30 -21.84 3.70
C GLY B 88 -25.72 -20.45 3.77
N PHE B 89 -26.43 -19.48 3.19
CA PHE B 89 -26.02 -18.09 3.28
C PHE B 89 -26.44 -17.47 4.61
N ASP B 90 -25.60 -17.68 5.62
CA ASP B 90 -25.87 -17.23 6.98
C ASP B 90 -24.69 -16.40 7.54
N PRO B 91 -24.75 -15.06 7.35
CA PRO B 91 -23.72 -14.17 7.87
C PRO B 91 -23.54 -14.25 9.38
N GLU B 92 -24.63 -14.42 10.13
CA GLU B 92 -24.55 -14.51 11.59
C GLU B 92 -23.75 -15.72 12.08
N ILE B 93 -24.06 -16.90 11.55
CA ILE B 93 -23.29 -18.12 11.86
C ILE B 93 -21.85 -18.01 11.36
N ALA B 94 -21.67 -17.37 10.20
CA ALA B 94 -20.35 -17.20 9.59
C ALA B 94 -19.32 -16.57 10.53
N LYS B 95 -19.75 -15.56 11.30
CA LYS B 95 -18.90 -14.88 12.27
C LYS B 95 -18.48 -15.79 13.44
N THR B 96 -19.21 -16.88 13.65
CA THR B 96 -18.94 -17.78 14.77
C THR B 96 -18.08 -18.98 14.37
N LYS B 97 -17.84 -19.11 13.07
CA LYS B 97 -17.12 -20.25 12.54
C LYS B 97 -15.86 -19.83 11.79
N ILE B 98 -14.86 -20.70 11.81
CA ILE B 98 -13.71 -20.53 10.94
C ILE B 98 -13.31 -21.81 10.21
N VAL B 99 -13.03 -21.65 8.92
CA VAL B 99 -12.56 -22.75 8.08
C VAL B 99 -11.07 -22.59 7.85
N TYR B 100 -10.27 -23.40 8.55
CA TYR B 100 -8.84 -23.37 8.30
C TYR B 100 -8.35 -24.63 7.58
N PHE B 101 -7.29 -24.47 6.80
CA PHE B 101 -6.78 -25.56 5.98
C PHE B 101 -5.64 -26.35 6.61
N MET B 102 -5.84 -27.65 6.73
CA MET B 102 -4.91 -28.55 7.40
C MET B 102 -3.82 -29.00 6.44
N THR B 103 -4.24 -29.47 5.27
CA THR B 103 -3.33 -30.01 4.27
C THR B 103 -3.62 -29.45 2.89
N ILE B 104 -2.61 -29.54 2.03
CA ILE B 104 -2.73 -29.26 0.61
C ILE B 104 -1.88 -30.33 -0.08
N ASP B 105 -2.42 -30.95 -1.11
CA ASP B 105 -1.71 -32.03 -1.79
C ASP B 105 -2.01 -32.04 -3.29
N LYS B 106 -1.16 -32.74 -4.04
CA LYS B 106 -1.32 -32.93 -5.51
C LYS B 106 -1.42 -31.62 -6.28
N VAL B 107 -0.61 -30.63 -5.88
CA VAL B 107 -0.61 -29.35 -6.57
C VAL B 107 0.27 -29.41 -7.79
N LYS B 108 -0.29 -29.03 -8.94
CA LYS B 108 0.44 -28.95 -10.19
C LYS B 108 0.11 -27.64 -10.88
N PHE B 109 1.14 -26.94 -11.34
CA PHE B 109 0.98 -25.71 -12.11
C PHE B 109 1.34 -25.99 -13.56
N ARG B 110 0.44 -25.64 -14.47
CA ARG B 110 0.62 -25.95 -15.89
C ARG B 110 0.83 -24.72 -16.76
N ILE B 111 0.08 -23.66 -16.46
CA ILE B 111 0.12 -22.43 -17.25
C ILE B 111 0.19 -21.21 -16.33
N PRO B 112 1.10 -20.25 -16.63
CA PRO B 112 1.14 -18.99 -15.88
C PRO B 112 -0.12 -18.14 -16.03
N VAL B 113 -0.59 -17.57 -14.91
CA VAL B 113 -1.74 -16.67 -14.90
C VAL B 113 -1.23 -15.22 -14.91
N THR B 114 -1.81 -14.40 -15.78
CA THR B 114 -1.33 -13.03 -15.99
C THR B 114 -2.50 -12.02 -16.00
N PRO B 115 -2.20 -10.72 -15.80
CA PRO B 115 -3.25 -9.70 -15.92
C PRO B 115 -4.09 -9.84 -17.21
N GLY B 116 -5.42 -9.79 -17.05
CA GLY B 116 -6.34 -9.96 -18.17
C GLY B 116 -7.06 -11.29 -18.11
N ASP B 117 -6.52 -12.22 -17.32
CA ASP B 117 -7.12 -13.54 -17.14
C ASP B 117 -8.25 -13.51 -16.13
N ARG B 118 -9.30 -14.26 -16.46
CA ARG B 118 -10.35 -14.57 -15.50
C ARG B 118 -9.97 -15.93 -14.91
N LEU B 119 -9.52 -15.91 -13.66
CA LEU B 119 -9.06 -17.12 -12.97
C LEU B 119 -10.24 -17.86 -12.31
N GLU B 120 -10.62 -18.96 -12.93
CA GLU B 120 -11.82 -19.68 -12.54
C GLU B 120 -11.49 -20.88 -11.67
N TYR B 121 -12.18 -21.00 -10.54
CA TYR B 121 -11.94 -22.10 -9.60
C TYR B 121 -13.05 -23.15 -9.67
N HIS B 122 -12.67 -24.39 -9.95
CA HIS B 122 -13.58 -25.54 -9.96
C HIS B 122 -13.19 -26.53 -8.87
N LEU B 123 -14.00 -26.60 -7.81
CA LEU B 123 -13.75 -27.51 -6.70
C LEU B 123 -14.95 -28.41 -6.50
N GLU B 124 -14.68 -29.68 -6.24
CA GLU B 124 -15.70 -30.63 -5.86
C GLU B 124 -15.36 -31.19 -4.47
N VAL B 125 -16.40 -31.61 -3.75
CA VAL B 125 -16.18 -32.30 -2.47
C VAL B 125 -15.75 -33.74 -2.74
N LEU B 126 -14.54 -34.08 -2.34
CA LEU B 126 -14.02 -35.43 -2.53
C LEU B 126 -14.57 -36.36 -1.46
N LYS B 127 -14.48 -35.92 -0.21
CA LYS B 127 -15.15 -36.56 0.92
C LYS B 127 -15.28 -35.58 2.10
N HIS B 128 -16.21 -35.89 2.99
CA HIS B 128 -16.41 -35.12 4.21
C HIS B 128 -16.94 -36.01 5.34
N LYS B 129 -16.45 -35.75 6.54
CA LYS B 129 -16.89 -36.44 7.74
C LYS B 129 -16.86 -35.43 8.88
N GLY B 130 -18.05 -35.13 9.41
CA GLY B 130 -18.18 -34.12 10.44
C GLY B 130 -17.73 -32.77 9.92
N MET B 131 -16.68 -32.23 10.54
CA MET B 131 -16.19 -30.88 10.23
C MET B 131 -14.95 -30.92 9.34
N ILE B 132 -14.52 -32.12 8.96
CA ILE B 132 -13.38 -32.30 8.08
C ILE B 132 -13.89 -32.48 6.66
N TRP B 133 -13.48 -31.56 5.79
CA TRP B 133 -13.94 -31.52 4.40
C TRP B 133 -12.75 -31.56 3.45
N GLN B 134 -12.76 -32.50 2.52
CA GLN B 134 -11.70 -32.63 1.53
C GLN B 134 -12.22 -32.23 0.17
N VAL B 135 -11.71 -31.13 -0.35
CA VAL B 135 -12.11 -30.63 -1.65
C VAL B 135 -10.96 -30.81 -2.64
N GLY B 136 -11.28 -30.80 -3.93
CA GLY B 136 -10.27 -30.92 -4.97
C GLY B 136 -10.78 -30.44 -6.30
N GLY B 137 -9.85 -30.06 -7.17
CA GLY B 137 -10.22 -29.64 -8.52
C GLY B 137 -9.13 -28.86 -9.19
N THR B 138 -9.54 -27.87 -9.98
CA THR B 138 -8.63 -27.16 -10.86
C THR B 138 -8.88 -25.65 -10.84
N ALA B 139 -7.88 -24.92 -11.32
CA ALA B 139 -8.03 -23.53 -11.71
C ALA B 139 -7.95 -23.50 -13.24
N GLN B 140 -8.82 -22.68 -13.84
CA GLN B 140 -8.97 -22.64 -15.30
C GLN B 140 -9.00 -21.22 -15.82
N VAL B 141 -8.35 -21.01 -16.96
CA VAL B 141 -8.43 -19.76 -17.70
C VAL B 141 -8.79 -20.11 -19.13
N ASP B 142 -9.88 -19.54 -19.64
CA ASP B 142 -10.38 -19.79 -21.00
C ASP B 142 -10.51 -21.29 -21.32
N GLY B 143 -11.11 -22.03 -20.41
CA GLY B 143 -11.34 -23.48 -20.61
C GLY B 143 -10.16 -24.41 -20.37
N LYS B 144 -8.96 -23.86 -20.18
CA LYS B 144 -7.76 -24.67 -19.97
C LYS B 144 -7.38 -24.79 -18.50
N VAL B 145 -6.88 -25.95 -18.11
CA VAL B 145 -6.41 -26.16 -16.75
C VAL B 145 -5.04 -25.48 -16.55
N VAL B 146 -5.00 -24.50 -15.65
CA VAL B 146 -3.75 -23.82 -15.33
C VAL B 146 -3.10 -24.37 -14.05
N ALA B 147 -3.92 -24.96 -13.19
CA ALA B 147 -3.46 -25.54 -11.92
C ALA B 147 -4.45 -26.57 -11.42
N GLU B 148 -3.98 -27.45 -10.54
CA GLU B 148 -4.85 -28.40 -9.85
C GLU B 148 -4.34 -28.60 -8.44
N ALA B 149 -5.22 -29.03 -7.54
CA ALA B 149 -4.88 -29.15 -6.12
C ALA B 149 -5.97 -29.89 -5.36
N GLU B 150 -5.55 -30.61 -4.33
CA GLU B 150 -6.47 -31.17 -3.35
C GLU B 150 -6.22 -30.51 -2.01
N LEU B 151 -7.27 -30.25 -1.26
CA LEU B 151 -7.18 -29.50 -0.01
C LEU B 151 -8.10 -30.10 1.04
N LYS B 152 -7.64 -30.10 2.29
CA LYS B 152 -8.45 -30.59 3.40
C LYS B 152 -8.63 -29.51 4.44
N ALA B 153 -9.89 -29.21 4.76
CA ALA B 153 -10.24 -28.14 5.68
C ALA B 153 -10.91 -28.68 6.94
N MET B 154 -10.67 -28.01 8.07
CA MET B 154 -11.49 -28.20 9.26
C MET B 154 -12.30 -26.96 9.57
N ILE B 155 -13.59 -27.17 9.85
CA ILE B 155 -14.47 -26.09 10.31
C ILE B 155 -14.54 -26.12 11.83
N ALA B 156 -14.31 -24.96 12.44
CA ALA B 156 -14.26 -24.87 13.90
C ALA B 156 -14.97 -23.60 14.38
N GLU B 157 -15.15 -23.49 15.70
CA GLU B 157 -15.66 -22.27 16.33
C GLU B 157 -14.60 -21.17 16.33
N ARG B 158 -15.03 -19.94 16.04
CA ARG B 158 -14.13 -18.78 16.02
C ARG B 158 -13.59 -18.49 17.42
N GLN C 9 20.93 27.41 -7.37
CA GLN C 9 19.49 27.84 -7.33
C GLN C 9 19.06 28.22 -5.90
N SER C 10 17.87 28.79 -5.78
CA SER C 10 17.28 29.13 -4.48
C SER C 10 15.99 28.34 -4.26
N GLN C 11 15.26 28.06 -5.35
CA GLN C 11 14.03 27.27 -5.31
C GLN C 11 14.18 25.94 -6.06
N PHE C 12 13.80 24.86 -5.38
CA PHE C 12 13.87 23.51 -5.94
C PHE C 12 12.52 22.81 -5.79
N PHE C 13 12.11 22.15 -6.86
CA PHE C 13 10.86 21.43 -6.89
C PHE C 13 11.10 19.93 -6.72
N ILE C 14 10.02 19.15 -6.67
CA ILE C 14 10.12 17.72 -6.37
C ILE C 14 11.08 16.98 -7.32
N GLU C 15 11.07 17.36 -8.59
CA GLU C 15 11.97 16.83 -9.61
C GLU C 15 13.44 16.95 -9.22
N HIS C 16 13.80 18.12 -8.69
CA HIS C 16 15.17 18.41 -8.22
C HIS C 16 15.51 17.68 -6.93
N ILE C 17 14.54 17.62 -6.02
CA ILE C 17 14.69 16.94 -4.73
C ILE C 17 14.93 15.44 -4.92
N LEU C 18 14.21 14.84 -5.88
CA LEU C 18 14.37 13.43 -6.22
C LEU C 18 15.77 13.09 -6.75
N GLN C 19 16.43 14.06 -7.38
CA GLN C 19 17.75 13.86 -7.95
C GLN C 19 18.87 14.03 -6.92
N ILE C 20 18.55 14.59 -5.76
CA ILE C 20 19.56 14.83 -4.72
C ILE C 20 19.41 13.88 -3.53
N LEU C 21 18.18 13.73 -3.04
CA LEU C 21 17.90 12.80 -1.95
C LEU C 21 17.62 11.40 -2.50
N PRO C 22 18.19 10.36 -1.86
CA PRO C 22 17.94 8.98 -2.28
C PRO C 22 16.59 8.43 -1.75
N HIS C 23 15.98 9.17 -0.83
CA HIS C 23 14.66 8.85 -0.26
C HIS C 23 13.60 8.78 -1.32
N ARG C 24 12.72 7.78 -1.19
CA ARG C 24 11.63 7.54 -2.13
C ARG C 24 10.36 7.23 -1.35
N TYR C 25 9.24 7.07 -2.04
CA TYR C 25 7.98 6.69 -1.40
C TYR C 25 8.13 5.38 -0.59
N PRO C 26 7.59 5.33 0.65
CA PRO C 26 6.89 6.38 1.40
C PRO C 26 7.76 7.15 2.43
N MET C 27 9.01 7.45 2.10
CA MET C 27 9.92 8.12 3.04
C MET C 27 10.57 9.41 2.53
N LEU C 28 10.12 9.90 1.38
CA LEU C 28 10.51 11.22 0.92
C LEU C 28 9.51 12.24 1.45
N LEU C 29 9.96 13.03 2.42
CA LEU C 29 9.06 13.87 3.22
C LEU C 29 9.36 15.37 3.07
N VAL C 30 9.82 15.75 1.89
CA VAL C 30 10.05 17.15 1.52
C VAL C 30 9.55 17.32 0.09
N ASP C 31 8.59 18.22 -0.10
CA ASP C 31 7.94 18.41 -1.42
C ASP C 31 8.53 19.52 -2.27
N ARG C 32 9.08 20.54 -1.63
CA ARG C 32 9.59 21.73 -2.31
C ARG C 32 10.53 22.51 -1.39
N ILE C 33 11.55 23.14 -1.98
CA ILE C 33 12.48 24.02 -1.26
C ILE C 33 12.23 25.46 -1.69
N THR C 34 11.90 26.33 -0.75
CA THR C 34 11.57 27.71 -1.07
C THR C 34 12.73 28.69 -0.85
N GLU C 35 13.65 28.35 0.06
CA GLU C 35 14.85 29.15 0.33
C GLU C 35 16.05 28.26 0.61
N LEU C 36 17.20 28.66 0.06
CA LEU C 36 18.44 27.94 0.29
C LEU C 36 19.62 28.90 0.24
N GLN C 37 20.31 29.01 1.37
CA GLN C 37 21.55 29.78 1.46
C GLN C 37 22.66 28.86 1.90
N ALA C 38 23.56 28.56 0.96
CA ALA C 38 24.68 27.66 1.21
C ALA C 38 25.36 27.99 2.54
N ASN C 39 25.56 26.94 3.36
CA ASN C 39 26.26 27.01 4.64
C ASN C 39 25.51 27.72 5.77
N GLN C 40 24.29 28.18 5.49
CA GLN C 40 23.54 28.98 6.45
C GLN C 40 22.19 28.34 6.79
N LYS C 41 21.26 28.34 5.83
CA LYS C 41 19.88 27.95 6.13
C LYS C 41 19.06 27.42 4.96
N ILE C 42 18.03 26.65 5.31
CA ILE C 42 17.07 26.13 4.34
C ILE C 42 15.64 26.34 4.84
N VAL C 43 14.78 26.81 3.94
CA VAL C 43 13.33 26.78 4.18
C VAL C 43 12.73 25.82 3.15
N ALA C 44 12.03 24.82 3.63
CA ALA C 44 11.42 23.82 2.76
C ALA C 44 10.06 23.46 3.32
N TYR C 45 9.29 22.66 2.59
CA TYR C 45 8.03 22.19 3.13
C TYR C 45 7.50 20.87 2.55
N LYS C 46 6.63 20.24 3.32
CA LYS C 46 5.89 19.07 2.90
C LYS C 46 4.41 19.35 3.13
N ASN C 47 3.60 19.15 2.10
CA ASN C 47 2.15 19.19 2.25
C ASN C 47 1.65 17.96 3.01
N ILE C 48 0.65 18.19 3.87
CA ILE C 48 0.05 17.12 4.68
C ILE C 48 -1.39 16.93 4.18
N THR C 49 -1.68 15.71 3.72
CA THR C 49 -2.98 15.38 3.15
C THR C 49 -3.49 14.07 3.75
N PHE C 50 -4.80 13.91 3.84
CA PHE C 50 -5.37 12.66 4.36
C PHE C 50 -4.96 11.45 3.51
N ASN C 51 -4.74 11.68 2.22
CA ASN C 51 -4.41 10.63 1.24
C ASN C 51 -2.97 10.12 1.37
N GLU C 52 -2.51 9.95 2.60
CA GLU C 52 -1.20 9.38 2.89
C GLU C 52 -1.41 8.14 3.74
N ASP C 53 -0.68 7.08 3.43
CA ASP C 53 -0.83 5.77 4.08
C ASP C 53 -0.68 5.81 5.62
N VAL C 54 0.29 6.58 6.13
CA VAL C 54 0.43 6.78 7.59
C VAL C 54 -0.86 7.03 8.36
N PHE C 55 -1.79 7.76 7.73
CA PHE C 55 -3.04 8.14 8.41
C PHE C 55 -4.01 6.97 8.65
N ASN C 56 -3.82 5.87 7.92
CA ASN C 56 -4.53 4.62 8.23
C ASN C 56 -4.31 4.14 9.66
N GLY C 57 -3.11 4.39 10.20
CA GLY C 57 -2.78 3.90 11.53
C GLY C 57 -2.44 4.92 12.58
N HIS C 58 -2.44 6.20 12.21
CA HIS C 58 -2.01 7.24 13.13
C HIS C 58 -2.89 8.50 13.06
N PHE C 59 -4.10 8.46 13.63
CA PHE C 59 -4.74 7.29 14.21
C PHE C 59 -6.08 7.07 13.49
N PRO C 60 -6.67 5.86 13.57
CA PRO C 60 -8.03 5.72 13.04
C PRO C 60 -8.98 6.79 13.60
N ASN C 61 -9.73 7.44 12.69
CA ASN C 61 -10.67 8.54 13.03
C ASN C 61 -10.07 9.78 13.68
N LYS C 62 -8.76 9.82 13.83
CA LYS C 62 -8.04 10.99 14.34
C LYS C 62 -6.68 11.14 13.65
N PRO C 63 -6.67 11.63 12.39
CA PRO C 63 -5.41 11.74 11.64
C PRO C 63 -4.45 12.78 12.19
N ILE C 64 -3.31 12.31 12.69
CA ILE C 64 -2.27 13.18 13.24
C ILE C 64 -0.92 12.77 12.64
N PHE C 65 -0.33 13.69 11.89
CA PHE C 65 0.99 13.45 11.29
C PHE C 65 1.99 13.13 12.40
N PRO C 66 2.64 11.95 12.31
CA PRO C 66 3.54 11.53 13.38
C PRO C 66 4.67 12.52 13.66
N GLY C 67 4.88 12.81 14.95
CA GLY C 67 5.96 13.68 15.40
C GLY C 67 7.34 13.27 14.90
N VAL C 68 7.60 11.95 14.89
CA VAL C 68 8.88 11.41 14.42
C VAL C 68 9.14 11.71 12.94
N LEU C 69 8.07 11.83 12.15
CA LEU C 69 8.19 12.10 10.72
C LEU C 69 8.38 13.59 10.42
N ILE C 70 7.89 14.46 11.31
CA ILE C 70 8.28 15.87 11.32
C ILE C 70 9.81 16.00 11.45
N VAL C 71 10.36 15.38 12.49
CA VAL C 71 11.80 15.35 12.71
C VAL C 71 12.57 14.80 11.50
N GLU C 72 12.00 13.78 10.86
CA GLU C 72 12.58 13.14 9.69
C GLU C 72 12.65 14.11 8.49
N GLY C 73 11.56 14.86 8.27
CA GLY C 73 11.51 15.86 7.20
C GLY C 73 12.46 17.02 7.45
N MET C 74 12.66 17.36 8.71
CA MET C 74 13.69 18.33 9.12
C MET C 74 15.10 17.80 8.86
N ALA C 75 15.34 16.54 9.19
CA ALA C 75 16.61 15.87 8.86
C ALA C 75 16.87 15.84 7.34
N GLN C 76 15.84 15.52 6.56
CA GLN C 76 15.96 15.51 5.11
C GLN C 76 16.31 16.89 4.55
N SER C 77 15.67 17.92 5.12
CA SER C 77 15.95 19.31 4.74
C SER C 77 17.37 19.72 5.09
N GLY C 78 17.83 19.33 6.28
CA GLY C 78 19.22 19.53 6.71
C GLY C 78 20.23 18.85 5.79
N GLY C 79 19.92 17.62 5.38
CA GLY C 79 20.77 16.87 4.46
C GLY C 79 20.88 17.49 3.08
N PHE C 80 19.76 17.97 2.55
CA PHE C 80 19.75 18.70 1.29
C PHE C 80 20.59 19.98 1.40
N LEU C 81 20.42 20.72 2.50
CA LEU C 81 21.24 21.90 2.77
C LEU C 81 22.74 21.58 2.83
N ALA C 82 23.11 20.58 3.63
CA ALA C 82 24.51 20.15 3.72
C ALA C 82 25.04 19.75 2.34
N PHE C 83 24.39 18.79 1.68
CA PHE C 83 24.86 18.35 0.36
C PHE C 83 25.02 19.48 -0.67
N THR C 84 23.98 20.29 -0.85
CA THR C 84 24.04 21.40 -1.83
C THR C 84 25.07 22.49 -1.45
N SER C 85 25.36 22.61 -0.16
CA SER C 85 26.42 23.52 0.32
C SER C 85 27.78 23.05 -0.17
N LEU C 86 28.00 21.74 -0.17
CA LEU C 86 29.27 21.15 -0.59
C LEU C 86 29.46 21.07 -2.11
N TRP C 87 28.42 20.66 -2.84
CA TRP C 87 28.55 20.37 -4.27
C TRP C 87 27.51 21.08 -5.14
N GLY C 88 26.60 21.82 -4.51
CA GLY C 88 25.48 22.44 -5.23
C GLY C 88 24.52 21.40 -5.78
N PHE C 89 23.71 21.80 -6.76
CA PHE C 89 22.81 20.86 -7.43
C PHE C 89 23.58 19.94 -8.38
N ASP C 90 24.07 18.83 -7.85
CA ASP C 90 24.84 17.85 -8.61
C ASP C 90 24.29 16.42 -8.42
N PRO C 91 23.34 16.00 -9.28
CA PRO C 91 22.72 14.67 -9.16
C PRO C 91 23.73 13.50 -9.27
N GLU C 92 24.77 13.69 -10.07
CA GLU C 92 25.81 12.69 -10.29
C GLU C 92 26.61 12.40 -9.01
N ILE C 93 27.06 13.46 -8.34
CA ILE C 93 27.75 13.32 -7.04
C ILE C 93 26.78 12.88 -5.93
N ALA C 94 25.51 13.26 -6.03
CA ALA C 94 24.50 12.87 -5.04
C ALA C 94 24.40 11.34 -4.87
N LYS C 95 24.47 10.62 -5.99
CA LYS C 95 24.43 9.16 -6.01
C LYS C 95 25.59 8.48 -5.26
N THR C 96 26.65 9.23 -5.00
CA THR C 96 27.87 8.68 -4.40
C THR C 96 28.01 9.05 -2.91
N LYS C 97 27.06 9.81 -2.38
CA LYS C 97 27.12 10.32 -1.01
C LYS C 97 26.00 9.77 -0.12
N ILE C 98 26.29 9.68 1.17
CA ILE C 98 25.26 9.48 2.19
C ILE C 98 25.37 10.57 3.24
N VAL C 99 24.22 11.00 3.77
CA VAL C 99 24.18 11.88 4.93
C VAL C 99 23.61 11.08 6.10
N TYR C 100 24.49 10.51 6.92
CA TYR C 100 24.07 9.66 8.04
C TYR C 100 23.80 10.48 9.30
N PHE C 101 22.57 10.41 9.81
CA PHE C 101 22.22 11.14 11.02
C PHE C 101 22.58 10.35 12.28
N MET C 102 23.41 10.98 13.10
CA MET C 102 24.01 10.32 14.27
C MET C 102 23.21 10.58 15.54
N THR C 103 22.75 11.82 15.70
CA THR C 103 22.02 12.23 16.90
C THR C 103 20.84 13.15 16.59
N ILE C 104 19.89 13.18 17.53
CA ILE C 104 18.74 14.07 17.52
C ILE C 104 18.57 14.54 18.96
N ASP C 105 18.31 15.84 19.15
CA ASP C 105 18.28 16.44 20.48
C ASP C 105 17.33 17.62 20.54
N LYS C 106 16.89 17.94 21.77
CA LYS C 106 16.10 19.14 22.08
C LYS C 106 14.87 19.28 21.19
N VAL C 107 14.19 18.16 20.97
CA VAL C 107 12.97 18.20 20.19
C VAL C 107 11.75 18.35 21.08
N LYS C 108 10.91 19.31 20.74
CA LYS C 108 9.68 19.61 21.45
C LYS C 108 8.55 19.78 20.45
N PHE C 109 7.41 19.15 20.73
CA PHE C 109 6.22 19.28 19.89
C PHE C 109 5.19 20.15 20.59
N ARG C 110 4.77 21.21 19.91
CA ARG C 110 3.89 22.21 20.52
C ARG C 110 2.46 22.09 20.02
N ILE C 111 2.29 21.87 18.73
CA ILE C 111 0.98 21.80 18.07
C ILE C 111 0.94 20.59 17.14
N PRO C 112 -0.11 19.74 17.25
CA PRO C 112 -0.28 18.60 16.33
C PRO C 112 -0.41 19.03 14.88
N VAL C 113 0.07 18.18 13.97
CA VAL C 113 0.00 18.43 12.53
C VAL C 113 -1.05 17.51 11.91
N THR C 114 -1.91 18.06 11.07
CA THR C 114 -3.08 17.33 10.55
C THR C 114 -3.25 17.56 9.05
N PRO C 115 -3.99 16.66 8.35
CA PRO C 115 -4.27 16.90 6.93
C PRO C 115 -4.78 18.32 6.64
N GLY C 116 -4.24 18.96 5.61
CA GLY C 116 -4.55 20.34 5.27
C GLY C 116 -3.47 21.33 5.68
N ASP C 117 -2.51 20.87 6.50
CA ASP C 117 -1.39 21.70 6.93
C ASP C 117 -0.25 21.71 5.93
N ARG C 118 0.38 22.88 5.80
CA ARG C 118 1.61 23.04 5.03
C ARG C 118 2.76 23.07 6.03
N LEU C 119 3.46 21.94 6.13
CA LEU C 119 4.51 21.77 7.14
C LEU C 119 5.84 22.33 6.65
N GLU C 120 6.21 23.48 7.19
CA GLU C 120 7.36 24.24 6.72
C GLU C 120 8.57 24.00 7.62
N TYR C 121 9.65 23.51 7.02
CA TYR C 121 10.87 23.21 7.77
C TYR C 121 11.85 24.38 7.72
N HIS C 122 12.21 24.90 8.89
CA HIS C 122 13.21 25.96 8.99
C HIS C 122 14.45 25.43 9.68
N LEU C 123 15.53 25.25 8.93
CA LEU C 123 16.76 24.70 9.47
C LEU C 123 17.96 25.58 9.17
N GLU C 124 18.87 25.66 10.14
CA GLU C 124 20.10 26.43 9.98
C GLU C 124 21.30 25.58 10.41
N VAL C 125 22.45 25.85 9.80
CA VAL C 125 23.70 25.21 10.20
C VAL C 125 24.16 25.79 11.53
N LEU C 126 24.29 24.92 12.54
CA LEU C 126 24.75 25.33 13.86
C LEU C 126 26.25 25.16 14.00
N LYS C 127 26.81 24.21 13.25
CA LYS C 127 28.22 23.88 13.33
C LYS C 127 28.56 22.96 12.18
N HIS C 128 29.63 23.29 11.45
CA HIS C 128 30.17 22.40 10.44
C HIS C 128 31.67 22.22 10.65
N LYS C 129 32.07 21.01 11.02
CA LYS C 129 33.47 20.67 11.23
C LYS C 129 33.83 19.37 10.50
N GLY C 130 34.52 19.51 9.37
CA GLY C 130 34.88 18.37 8.53
C GLY C 130 33.65 17.71 7.94
N MET C 131 33.49 16.42 8.23
CA MET C 131 32.36 15.63 7.71
C MET C 131 31.11 15.80 8.56
N ILE C 132 31.26 16.37 9.76
CA ILE C 132 30.17 16.50 10.72
C ILE C 132 29.40 17.81 10.53
N TRP C 133 28.10 17.69 10.28
CA TRP C 133 27.21 18.84 10.19
C TRP C 133 26.21 18.81 11.34
N GLN C 134 26.11 19.92 12.06
CA GLN C 134 25.11 20.09 13.10
C GLN C 134 24.10 21.12 12.66
N VAL C 135 22.85 20.71 12.60
CA VAL C 135 21.76 21.53 12.07
C VAL C 135 20.64 21.61 13.10
N GLY C 136 19.88 22.70 13.07
CA GLY C 136 18.79 22.88 14.01
C GLY C 136 17.80 23.93 13.56
N GLY C 137 16.60 23.86 14.11
CA GLY C 137 15.56 24.84 13.80
C GLY C 137 14.17 24.37 14.15
N THR C 138 13.20 24.72 13.33
CA THR C 138 11.79 24.49 13.64
C THR C 138 10.98 23.94 12.46
N ALA C 139 9.84 23.38 12.80
CA ALA C 139 8.79 23.09 11.83
C ALA C 139 7.63 24.05 12.14
N GLN C 140 7.09 24.65 11.09
CA GLN C 140 6.05 25.66 11.25
C GLN C 140 4.83 25.40 10.37
N VAL C 141 3.67 25.78 10.88
CA VAL C 141 2.42 25.74 10.11
C VAL C 141 1.78 27.11 10.29
N ASP C 142 1.56 27.80 9.17
CA ASP C 142 0.99 29.16 9.17
C ASP C 142 1.72 30.15 10.12
N GLY C 143 3.04 30.18 10.04
CA GLY C 143 3.85 31.11 10.82
C GLY C 143 4.05 30.76 12.29
N LYS C 144 3.35 29.74 12.77
CA LYS C 144 3.47 29.29 14.16
C LYS C 144 4.41 28.08 14.29
N VAL C 145 5.26 28.10 15.33
CA VAL C 145 6.16 26.99 15.64
C VAL C 145 5.40 25.77 16.16
N VAL C 146 5.58 24.66 15.46
CA VAL C 146 4.84 23.43 15.72
C VAL C 146 5.75 22.37 16.33
N ALA C 147 7.03 22.45 15.97
CA ALA C 147 8.07 21.57 16.49
C ALA C 147 9.43 22.25 16.39
N GLU C 148 10.37 21.80 17.21
CA GLU C 148 11.76 22.23 17.11
C GLU C 148 12.66 21.03 17.34
N ALA C 149 13.86 21.05 16.77
CA ALA C 149 14.82 19.95 16.91
C ALA C 149 16.23 20.38 16.55
N GLU C 150 17.20 19.67 17.11
CA GLU C 150 18.59 19.76 16.69
C GLU C 150 19.03 18.40 16.20
N LEU C 151 19.86 18.39 15.17
CA LEU C 151 20.30 17.17 14.52
C LEU C 151 21.78 17.26 14.12
N LYS C 152 22.47 16.12 14.21
CA LYS C 152 23.86 16.05 13.81
C LYS C 152 24.04 14.91 12.82
N ALA C 153 24.68 15.22 11.70
CA ALA C 153 24.87 14.28 10.60
C ALA C 153 26.34 14.19 10.21
N MET C 154 26.67 13.09 9.52
CA MET C 154 28.01 12.88 8.97
C MET C 154 27.91 12.62 7.47
N ILE C 155 28.75 13.30 6.71
CA ILE C 155 28.86 13.08 5.26
C ILE C 155 29.83 11.92 5.05
N ALA C 156 29.44 11.01 4.16
CA ALA C 156 30.25 9.82 3.86
C ALA C 156 29.99 9.32 2.45
N GLU C 157 30.83 8.39 2.00
CA GLU C 157 30.68 7.76 0.68
C GLU C 157 29.64 6.65 0.72
N ARG C 158 28.82 6.57 -0.34
CA ARG C 158 27.79 5.52 -0.43
C ARG C 158 28.39 4.13 -0.68
N LEU D 8 -1.84 -8.30 36.55
CA LEU D 8 -1.25 -7.85 35.26
C LEU D 8 -0.05 -8.73 34.88
N GLN D 9 -0.19 -9.44 33.76
CA GLN D 9 0.81 -10.41 33.32
C GLN D 9 2.11 -9.75 32.81
N SER D 10 3.08 -10.55 32.38
CA SER D 10 4.38 -10.03 31.93
C SER D 10 4.59 -10.15 30.42
N GLN D 11 4.01 -11.18 29.80
CA GLN D 11 4.04 -11.34 28.34
C GLN D 11 2.70 -10.98 27.68
N PHE D 12 2.79 -10.15 26.63
CA PHE D 12 1.63 -9.76 25.84
C PHE D 12 1.95 -9.95 24.37
N PHE D 13 0.99 -10.48 23.64
CA PHE D 13 1.16 -10.78 22.23
C PHE D 13 0.41 -9.75 21.40
N ILE D 14 0.58 -9.79 20.09
CA ILE D 14 -0.01 -8.79 19.18
C ILE D 14 -1.51 -8.52 19.42
N GLU D 15 -2.29 -9.54 19.73
CA GLU D 15 -3.74 -9.34 19.98
C GLU D 15 -4.01 -8.51 21.25
N HIS D 16 -3.10 -8.58 22.22
CA HIS D 16 -3.17 -7.76 23.43
C HIS D 16 -2.74 -6.33 23.16
N ILE D 17 -1.66 -6.17 22.39
CA ILE D 17 -1.15 -4.85 21.99
C ILE D 17 -2.18 -4.06 21.17
N LEU D 18 -2.83 -4.75 20.22
CA LEU D 18 -3.97 -4.22 19.47
C LEU D 18 -5.08 -3.63 20.34
N GLN D 19 -5.34 -4.28 21.47
CA GLN D 19 -6.42 -3.88 22.39
C GLN D 19 -6.06 -2.73 23.32
N ILE D 20 -4.77 -2.41 23.42
CA ILE D 20 -4.28 -1.35 24.29
C ILE D 20 -3.82 -0.10 23.52
N LEU D 21 -2.94 -0.30 22.53
CA LEU D 21 -2.43 0.83 21.73
C LEU D 21 -3.40 1.21 20.61
N PRO D 22 -3.56 2.52 20.36
CA PRO D 22 -4.45 3.00 19.30
C PRO D 22 -3.80 2.97 17.91
N HIS D 23 -2.50 2.67 17.87
CA HIS D 23 -1.73 2.63 16.62
C HIS D 23 -2.18 1.46 15.77
N ARG D 24 -2.30 1.70 14.46
CA ARG D 24 -2.60 0.63 13.49
C ARG D 24 -1.62 0.69 12.31
N TYR D 25 -1.78 -0.24 11.37
CA TYR D 25 -0.93 -0.29 10.17
C TYR D 25 -1.02 1.05 9.39
N PRO D 26 0.14 1.60 8.93
CA PRO D 26 1.51 1.13 9.08
C PRO D 26 2.31 1.84 10.19
N MET D 27 1.68 2.00 11.36
CA MET D 27 2.30 2.76 12.45
C MET D 27 2.25 2.05 13.80
N LEU D 28 1.84 0.80 13.81
CA LEU D 28 1.99 -0.04 15.00
C LEU D 28 3.30 -0.80 14.87
N LEU D 29 4.28 -0.40 15.69
CA LEU D 29 5.67 -0.81 15.51
C LEU D 29 6.19 -1.61 16.71
N VAL D 30 5.27 -2.31 17.37
CA VAL D 30 5.60 -3.21 18.46
C VAL D 30 4.82 -4.50 18.21
N ASP D 31 5.53 -5.63 18.25
CA ASP D 31 4.94 -6.93 17.92
C ASP D 31 4.62 -7.77 19.14
N ARG D 32 5.42 -7.62 20.18
CA ARG D 32 5.34 -8.47 21.38
C ARG D 32 6.01 -7.79 22.58
N ILE D 33 5.44 -8.00 23.76
CA ILE D 33 5.99 -7.52 25.03
C ILE D 33 6.52 -8.71 25.80
N THR D 34 7.79 -8.68 26.17
CA THR D 34 8.43 -9.84 26.81
C THR D 34 8.59 -9.69 28.33
N GLU D 35 8.63 -8.44 28.80
CA GLU D 35 8.86 -8.14 30.20
C GLU D 35 8.22 -6.80 30.55
N LEU D 36 7.49 -6.78 31.66
CA LEU D 36 6.76 -5.58 32.08
C LEU D 36 6.68 -5.49 33.61
N GLN D 37 7.19 -4.37 34.14
CA GLN D 37 7.10 -4.03 35.57
C GLN D 37 6.36 -2.71 35.66
N ALA D 38 5.13 -2.75 36.18
CA ALA D 38 4.30 -1.54 36.29
C ALA D 38 5.06 -0.36 36.90
N ASN D 39 4.96 0.79 36.24
CA ASN D 39 5.58 2.07 36.67
C ASN D 39 7.10 2.10 36.67
N GLN D 40 7.71 1.07 36.08
CA GLN D 40 9.16 0.94 36.17
C GLN D 40 9.84 0.70 34.83
N LYS D 41 9.48 -0.39 34.15
CA LYS D 41 10.18 -0.75 32.93
C LYS D 41 9.43 -1.73 32.03
N ILE D 42 9.88 -1.78 30.77
CA ILE D 42 9.31 -2.65 29.75
C ILE D 42 10.39 -3.11 28.78
N VAL D 43 10.33 -4.37 28.41
CA VAL D 43 11.11 -4.91 27.30
C VAL D 43 10.11 -5.46 26.29
N ALA D 44 10.22 -4.99 25.06
CA ALA D 44 9.33 -5.37 23.98
C ALA D 44 10.18 -5.54 22.73
N TYR D 45 9.58 -5.95 21.62
CA TYR D 45 10.31 -5.98 20.37
C TYR D 45 9.43 -5.87 19.14
N LYS D 46 10.04 -5.43 18.04
CA LYS D 46 9.42 -5.46 16.72
C LYS D 46 10.35 -6.27 15.81
N ASN D 47 9.79 -7.25 15.09
CA ASN D 47 10.54 -7.95 14.04
C ASN D 47 10.70 -7.07 12.82
N ILE D 48 11.88 -7.10 12.20
CA ILE D 48 12.14 -6.33 10.99
C ILE D 48 12.22 -7.28 9.80
N THR D 49 11.35 -7.04 8.82
CA THR D 49 11.28 -7.88 7.63
C THR D 49 11.41 -7.01 6.38
N PHE D 50 11.92 -7.57 5.29
CA PHE D 50 11.94 -6.85 4.01
C PHE D 50 10.52 -6.50 3.56
N ASN D 51 9.56 -7.33 3.98
CA ASN D 51 8.17 -7.22 3.55
C ASN D 51 7.40 -6.06 4.21
N GLU D 52 8.10 -4.95 4.41
CA GLU D 52 7.49 -3.75 4.97
C GLU D 52 7.57 -2.65 3.94
N ASP D 53 6.43 -2.01 3.68
CA ASP D 53 6.31 -0.97 2.65
C ASP D 53 7.35 0.15 2.79
N VAL D 54 7.67 0.50 4.04
CA VAL D 54 8.67 1.51 4.33
C VAL D 54 10.02 1.30 3.62
N PHE D 55 10.41 0.06 3.38
CA PHE D 55 11.67 -0.25 2.71
C PHE D 55 11.67 0.05 1.20
N ASN D 56 10.48 0.25 0.62
CA ASN D 56 10.38 0.74 -0.75
C ASN D 56 11.08 2.08 -0.97
N GLY D 57 11.09 2.92 0.07
CA GLY D 57 11.72 4.23 -0.03
C GLY D 57 12.91 4.52 0.87
N HIS D 58 13.35 3.53 1.63
CA HIS D 58 14.40 3.76 2.63
C HIS D 58 15.36 2.55 2.76
N PHE D 59 16.20 2.28 1.76
CA PHE D 59 16.25 2.99 0.48
C PHE D 59 16.20 1.95 -0.63
N PRO D 60 15.86 2.37 -1.86
CA PRO D 60 15.94 1.40 -2.97
C PRO D 60 17.30 0.69 -3.00
N ASN D 61 17.28 -0.63 -3.12
CA ASN D 61 18.50 -1.48 -3.13
C ASN D 61 19.32 -1.47 -1.82
N LYS D 62 18.79 -0.87 -0.77
CA LYS D 62 19.52 -0.80 0.51
C LYS D 62 18.53 -0.61 1.68
N PRO D 63 17.84 -1.69 2.10
CA PRO D 63 16.83 -1.53 3.16
C PRO D 63 17.42 -1.23 4.53
N ILE D 64 17.05 -0.08 5.08
CA ILE D 64 17.51 0.36 6.39
C ILE D 64 16.29 0.86 7.16
N PHE D 65 16.04 0.27 8.33
CA PHE D 65 14.90 0.68 9.14
C PHE D 65 15.17 2.09 9.65
N PRO D 66 14.27 3.05 9.30
CA PRO D 66 14.46 4.45 9.68
C PRO D 66 14.65 4.65 11.18
N GLY D 67 15.70 5.40 11.54
CA GLY D 67 16.02 5.71 12.92
C GLY D 67 14.86 6.33 13.70
N VAL D 68 14.13 7.24 13.06
CA VAL D 68 12.98 7.90 13.70
C VAL D 68 11.86 6.92 14.06
N LEU D 69 11.77 5.83 13.29
CA LEU D 69 10.77 4.79 13.54
C LEU D 69 11.18 3.87 14.69
N ILE D 70 12.49 3.73 14.91
CA ILE D 70 13.04 3.09 16.12
C ILE D 70 12.59 3.85 17.38
N VAL D 71 12.67 5.18 17.34
CA VAL D 71 12.25 6.03 18.44
C VAL D 71 10.75 5.90 18.67
N GLU D 72 9.99 5.87 17.57
CA GLU D 72 8.55 5.64 17.59
C GLU D 72 8.18 4.33 18.27
N GLY D 73 8.86 3.25 17.91
CA GLY D 73 8.67 1.95 18.56
C GLY D 73 8.96 1.94 20.05
N MET D 74 9.96 2.73 20.45
CA MET D 74 10.30 2.91 21.87
C MET D 74 9.21 3.69 22.62
N ALA D 75 8.66 4.70 21.97
CA ALA D 75 7.55 5.50 22.51
C ALA D 75 6.30 4.65 22.72
N GLN D 76 6.00 3.79 21.73
CA GLN D 76 4.86 2.88 21.78
C GLN D 76 5.03 1.85 22.89
N SER D 77 6.25 1.33 23.05
CA SER D 77 6.60 0.47 24.19
C SER D 77 6.36 1.20 25.51
N GLY D 78 6.86 2.44 25.61
CA GLY D 78 6.60 3.29 26.75
C GLY D 78 5.12 3.54 26.99
N GLY D 79 4.39 3.82 25.92
CA GLY D 79 2.94 4.04 25.97
C GLY D 79 2.15 2.85 26.48
N PHE D 80 2.55 1.64 26.07
CA PHE D 80 1.95 0.41 26.56
C PHE D 80 2.20 0.22 28.05
N LEU D 81 3.42 0.53 28.47
CA LEU D 81 3.79 0.49 29.88
C LEU D 81 2.95 1.51 30.67
N ALA D 82 2.90 2.75 30.17
CA ALA D 82 2.12 3.82 30.77
C ALA D 82 0.67 3.44 31.01
N PHE D 83 0.00 2.91 29.98
CA PHE D 83 -1.42 2.61 30.09
C PHE D 83 -1.72 1.45 31.04
N THR D 84 -1.01 0.33 30.90
CA THR D 84 -1.23 -0.84 31.76
C THR D 84 -0.86 -0.56 33.22
N SER D 85 0.01 0.42 33.43
CA SER D 85 0.37 0.85 34.78
C SER D 85 -0.79 1.56 35.45
N LEU D 86 -1.50 2.40 34.69
CA LEU D 86 -2.60 3.22 35.19
C LEU D 86 -3.94 2.50 35.24
N TRP D 87 -4.20 1.64 34.25
CA TRP D 87 -5.52 1.00 34.09
C TRP D 87 -5.47 -0.53 34.00
N GLY D 88 -4.26 -1.10 33.93
CA GLY D 88 -4.10 -2.53 33.71
C GLY D 88 -4.51 -2.88 32.29
N PHE D 89 -4.77 -4.15 32.02
CA PHE D 89 -5.27 -4.57 30.72
C PHE D 89 -6.78 -4.24 30.60
N ASP D 90 -7.05 -3.02 30.15
CA ASP D 90 -8.43 -2.51 30.03
C ASP D 90 -8.69 -1.97 28.62
N PRO D 91 -9.13 -2.86 27.69
CA PRO D 91 -9.43 -2.44 26.31
C PRO D 91 -10.56 -1.41 26.19
N GLU D 92 -11.55 -1.51 27.08
CA GLU D 92 -12.68 -0.57 27.16
C GLU D 92 -12.21 0.88 27.33
N ILE D 93 -11.28 1.10 28.25
CA ILE D 93 -10.76 2.43 28.49
C ILE D 93 -9.66 2.80 27.47
N ALA D 94 -8.95 1.79 26.96
CA ALA D 94 -7.90 2.03 25.96
C ALA D 94 -8.45 2.69 24.70
N LYS D 95 -9.69 2.36 24.36
CA LYS D 95 -10.37 2.86 23.16
C LYS D 95 -10.66 4.37 23.21
N THR D 96 -10.70 4.92 24.42
CA THR D 96 -10.99 6.35 24.62
C THR D 96 -9.73 7.24 24.60
N LYS D 97 -8.58 6.66 24.27
CA LYS D 97 -7.31 7.39 24.39
C LYS D 97 -6.42 7.33 23.14
N ILE D 98 -5.60 8.36 22.97
CA ILE D 98 -4.45 8.32 22.06
C ILE D 98 -3.18 8.74 22.81
N VAL D 99 -2.06 8.74 22.12
CA VAL D 99 -0.78 9.15 22.72
C VAL D 99 -0.18 10.30 21.91
N TYR D 100 0.36 11.28 22.61
CA TYR D 100 1.04 12.41 21.99
C TYR D 100 2.49 12.47 22.44
N PHE D 101 3.40 12.49 21.46
CA PHE D 101 4.79 12.87 21.70
C PHE D 101 4.86 14.31 22.18
N MET D 102 5.56 14.54 23.29
CA MET D 102 5.81 15.90 23.80
C MET D 102 7.24 16.34 23.56
N THR D 103 8.20 15.52 23.97
CA THR D 103 9.62 15.81 23.75
C THR D 103 10.40 14.54 23.38
N ILE D 104 11.53 14.73 22.71
CA ILE D 104 12.51 13.69 22.48
C ILE D 104 13.89 14.28 22.77
N ASP D 105 14.75 13.50 23.42
CA ASP D 105 16.09 13.95 23.80
C ASP D 105 17.12 12.83 23.77
N LYS D 106 18.39 13.22 23.66
CA LYS D 106 19.54 12.33 23.82
C LYS D 106 19.47 11.09 22.92
N VAL D 107 19.02 11.27 21.68
CA VAL D 107 18.94 10.15 20.76
C VAL D 107 20.25 9.94 19.98
N LYS D 108 20.73 8.69 19.99
CA LYS D 108 21.95 8.30 19.29
C LYS D 108 21.66 7.09 18.42
N PHE D 109 22.11 7.16 17.17
CA PHE D 109 21.99 6.03 16.25
C PHE D 109 23.36 5.42 16.03
N ARG D 110 23.57 4.23 16.59
CA ARG D 110 24.89 3.58 16.57
C ARG D 110 25.07 2.54 15.47
N ILE D 111 24.04 1.72 15.27
CA ILE D 111 24.11 0.59 14.33
C ILE D 111 22.86 0.57 13.45
N PRO D 112 23.03 0.49 12.12
CA PRO D 112 21.86 0.40 11.23
C PRO D 112 21.02 -0.86 11.47
N VAL D 113 19.69 -0.74 11.34
CA VAL D 113 18.76 -1.85 11.51
C VAL D 113 18.24 -2.28 10.14
N THR D 114 18.30 -3.60 9.88
CA THR D 114 17.98 -4.15 8.57
C THR D 114 17.05 -5.37 8.66
N PRO D 115 16.36 -5.72 7.55
CA PRO D 115 15.58 -6.96 7.47
C PRO D 115 16.29 -8.19 8.07
N GLY D 116 15.56 -8.92 8.91
CA GLY D 116 16.12 -10.08 9.60
C GLY D 116 16.50 -9.79 11.04
N ASP D 117 16.49 -8.51 11.41
CA ASP D 117 16.77 -8.08 12.78
C ASP D 117 15.55 -8.15 13.67
N ARG D 118 15.79 -8.52 14.93
CA ARG D 118 14.79 -8.45 15.98
C ARG D 118 15.09 -7.17 16.78
N LEU D 119 14.24 -6.16 16.59
CA LEU D 119 14.45 -4.86 17.24
C LEU D 119 13.84 -4.82 18.65
N GLU D 120 14.70 -4.97 19.64
CA GLU D 120 14.28 -5.06 21.03
C GLU D 120 14.31 -3.71 21.72
N TYR D 121 13.20 -3.35 22.36
CA TYR D 121 13.05 -2.07 23.03
C TYR D 121 13.16 -2.22 24.54
N HIS D 122 14.15 -1.58 25.15
CA HIS D 122 14.31 -1.57 26.61
C HIS D 122 14.03 -0.15 27.12
N LEU D 123 12.96 0.01 27.88
CA LEU D 123 12.63 1.32 28.43
C LEU D 123 12.37 1.28 29.92
N GLU D 124 12.82 2.33 30.59
CA GLU D 124 12.58 2.52 32.02
C GLU D 124 11.85 3.83 32.22
N VAL D 125 11.03 3.90 33.27
CA VAL D 125 10.34 5.13 33.64
C VAL D 125 11.30 6.04 34.40
N LEU D 126 11.51 7.24 33.86
CA LEU D 126 12.39 8.23 34.45
C LEU D 126 11.59 9.14 35.38
N LYS D 127 10.37 9.47 34.94
CA LYS D 127 9.42 10.30 35.66
C LYS D 127 8.02 10.03 35.12
N HIS D 128 7.02 10.09 35.99
CA HIS D 128 5.62 10.02 35.58
C HIS D 128 4.70 10.71 36.59
N LYS D 129 3.72 11.44 36.08
CA LYS D 129 2.64 12.00 36.89
C LYS D 129 1.38 12.18 36.06
N GLY D 130 0.34 11.44 36.44
CA GLY D 130 -0.91 11.40 35.69
C GLY D 130 -0.68 10.80 34.32
N MET D 131 -1.00 11.59 33.30
CA MET D 131 -0.94 11.13 31.91
C MET D 131 0.44 11.36 31.27
N ILE D 132 1.29 12.12 31.95
CA ILE D 132 2.61 12.49 31.44
C ILE D 132 3.68 11.50 31.89
N TRP D 133 4.26 10.79 30.93
CA TRP D 133 5.25 9.75 31.21
C TRP D 133 6.55 10.02 30.49
N GLN D 134 7.64 10.03 31.26
CA GLN D 134 8.97 10.19 30.70
C GLN D 134 9.75 8.88 30.78
N VAL D 135 10.14 8.37 29.60
CA VAL D 135 10.85 7.10 29.51
C VAL D 135 12.20 7.28 28.79
N GLY D 136 13.13 6.39 29.08
CA GLY D 136 14.45 6.43 28.48
C GLY D 136 15.01 5.03 28.41
N GLY D 137 15.88 4.80 27.43
CA GLY D 137 16.48 3.48 27.27
C GLY D 137 17.15 3.28 25.93
N THR D 138 17.13 2.03 25.47
CA THR D 138 17.85 1.64 24.28
C THR D 138 17.01 0.75 23.37
N ALA D 139 17.47 0.65 22.12
CA ALA D 139 17.00 -0.36 21.18
C ALA D 139 18.17 -1.29 20.93
N GLN D 140 17.90 -2.58 20.96
CA GLN D 140 18.97 -3.57 20.89
C GLN D 140 18.70 -4.66 19.85
N VAL D 141 19.76 -5.04 19.14
CA VAL D 141 19.72 -6.20 18.24
C VAL D 141 20.82 -7.17 18.64
N ASP D 142 20.44 -8.39 18.98
CA ASP D 142 21.37 -9.44 19.38
C ASP D 142 22.28 -8.93 20.50
N GLY D 143 21.65 -8.35 21.53
CA GLY D 143 22.36 -7.85 22.70
C GLY D 143 23.23 -6.61 22.55
N LYS D 144 23.31 -6.05 21.34
CA LYS D 144 24.09 -4.83 21.09
C LYS D 144 23.19 -3.60 21.00
N VAL D 145 23.62 -2.50 21.62
CA VAL D 145 22.89 -1.23 21.55
C VAL D 145 22.96 -0.61 20.15
N VAL D 146 21.79 -0.51 19.55
CA VAL D 146 21.62 0.00 18.20
C VAL D 146 21.22 1.48 18.24
N ALA D 147 20.51 1.86 19.29
CA ALA D 147 20.05 3.23 19.47
C ALA D 147 19.77 3.53 20.93
N GLU D 148 19.85 4.81 21.28
CA GLU D 148 19.45 5.31 22.60
C GLU D 148 18.49 6.46 22.40
N ALA D 149 17.57 6.65 23.35
CA ALA D 149 16.64 7.77 23.31
C ALA D 149 15.99 8.01 24.66
N GLU D 150 15.58 9.25 24.89
CA GLU D 150 14.69 9.63 25.98
C GLU D 150 13.51 10.35 25.35
N LEU D 151 12.32 10.13 25.90
CA LEU D 151 11.13 10.77 25.37
C LEU D 151 10.07 10.98 26.43
N LYS D 152 9.24 11.99 26.23
CA LYS D 152 8.11 12.26 27.09
C LYS D 152 6.83 12.21 26.26
N ALA D 153 5.85 11.44 26.75
CA ALA D 153 4.57 11.28 26.07
C ALA D 153 3.40 11.63 26.98
N MET D 154 2.26 11.92 26.36
CA MET D 154 1.02 12.13 27.09
C MET D 154 -0.11 11.27 26.53
N ILE D 155 -0.78 10.56 27.44
CA ILE D 155 -2.03 9.87 27.12
C ILE D 155 -3.16 10.91 27.21
N ALA D 156 -3.85 11.12 26.10
CA ALA D 156 -4.92 12.12 26.07
C ALA D 156 -6.27 11.48 25.70
N GLU D 157 -7.34 12.08 26.22
CA GLU D 157 -8.70 11.72 25.85
C GLU D 157 -8.92 11.96 24.36
N ARG D 158 -9.47 10.96 23.68
CA ARG D 158 -9.74 11.02 22.24
C ARG D 158 -10.74 12.12 21.88
N GLU D 159 -11.53 12.56 22.87
CA GLU D 159 -12.53 13.63 22.72
C GLU D 159 -13.64 13.25 21.74
N LEU E 8 -25.40 25.83 10.54
CA LEU E 8 -24.23 25.30 9.76
C LEU E 8 -23.00 26.18 9.89
N GLN E 9 -21.86 25.54 10.14
CA GLN E 9 -20.58 26.22 10.12
C GLN E 9 -20.13 26.52 8.68
N SER E 10 -19.06 27.28 8.55
CA SER E 10 -18.48 27.59 7.24
C SER E 10 -17.11 26.92 7.05
N GLN E 11 -16.42 26.65 8.15
CA GLN E 11 -15.13 25.96 8.11
C GLN E 11 -15.29 24.55 8.68
N PHE E 12 -14.77 23.56 7.95
CA PHE E 12 -14.78 22.17 8.40
C PHE E 12 -13.42 21.54 8.19
N PHE E 13 -13.01 20.74 9.17
CA PHE E 13 -11.72 20.06 9.17
C PHE E 13 -11.87 18.58 8.83
N ILE E 14 -10.74 17.89 8.62
CA ILE E 14 -10.75 16.49 8.19
C ILE E 14 -11.68 15.57 9.01
N GLU E 15 -11.79 15.82 10.31
CA GLU E 15 -12.70 15.09 11.21
C GLU E 15 -14.17 15.25 10.80
N HIS E 16 -14.53 16.46 10.38
CA HIS E 16 -15.89 16.76 9.94
C HIS E 16 -16.18 16.13 8.59
N ILE E 17 -15.19 16.19 7.68
CA ILE E 17 -15.28 15.56 6.36
C ILE E 17 -15.49 14.04 6.47
N LEU E 18 -14.68 13.38 7.30
CA LEU E 18 -14.81 11.94 7.57
C LEU E 18 -16.18 11.51 8.10
N GLN E 19 -16.88 12.44 8.76
CA GLN E 19 -18.18 12.15 9.36
C GLN E 19 -19.34 12.33 8.38
N ILE E 20 -19.05 12.94 7.23
CA ILE E 20 -20.06 13.29 6.25
C ILE E 20 -19.91 12.47 4.97
N LEU E 21 -18.70 12.45 4.40
CA LEU E 21 -18.45 11.77 3.14
C LEU E 21 -18.16 10.29 3.39
N PRO E 22 -18.68 9.40 2.51
CA PRO E 22 -18.43 7.97 2.71
C PRO E 22 -17.04 7.53 2.22
N HIS E 23 -16.39 8.37 1.41
CA HIS E 23 -15.06 8.10 0.86
C HIS E 23 -14.02 7.86 1.94
N ARG E 24 -13.11 6.93 1.69
CA ARG E 24 -12.01 6.63 2.59
C ARG E 24 -10.72 6.47 1.80
N TYR E 25 -9.59 6.30 2.49
CA TYR E 25 -8.31 6.08 1.82
C TYR E 25 -8.39 4.86 0.89
N PRO E 26 -7.85 4.95 -0.34
CA PRO E 26 -7.12 6.06 -0.96
C PRO E 26 -7.98 6.97 -1.85
N MET E 27 -9.24 7.20 -1.47
CA MET E 27 -10.18 7.94 -2.31
C MET E 27 -10.89 9.11 -1.62
N LEU E 28 -10.40 9.52 -0.44
CA LEU E 28 -10.88 10.73 0.20
C LEU E 28 -9.93 11.88 -0.14
N LEU E 29 -10.40 12.77 -1.02
CA LEU E 29 -9.54 13.73 -1.73
C LEU E 29 -9.87 15.18 -1.42
N VAL E 30 -10.45 15.38 -0.23
CA VAL E 30 -10.71 16.71 0.30
C VAL E 30 -10.15 16.72 1.72
N ASP E 31 -9.29 17.71 2.01
CA ASP E 31 -8.62 17.80 3.30
C ASP E 31 -9.27 18.80 4.26
N ARG E 32 -9.80 19.89 3.72
CA ARG E 32 -10.38 20.95 4.54
C ARG E 32 -11.41 21.75 3.75
N ILE E 33 -12.46 22.23 4.42
CA ILE E 33 -13.44 23.13 3.81
C ILE E 33 -13.29 24.53 4.39
N THR E 34 -13.09 25.53 3.54
CA THR E 34 -12.80 26.88 4.04
C THR E 34 -14.02 27.78 4.04
N GLU E 35 -14.93 27.57 3.10
CA GLU E 35 -16.21 28.29 3.13
C GLU E 35 -17.33 27.44 2.53
N LEU E 36 -18.55 27.66 3.04
CA LEU E 36 -19.71 26.90 2.63
C LEU E 36 -20.99 27.72 2.78
N GLN E 37 -21.69 27.93 1.67
CA GLN E 37 -23.05 28.48 1.69
C GLN E 37 -24.03 27.39 1.28
N ALA E 38 -24.96 27.04 2.16
CA ALA E 38 -25.96 26.01 1.88
C ALA E 38 -26.73 26.23 0.58
N ASN E 39 -26.82 25.18 -0.23
CA ASN E 39 -27.52 25.19 -1.52
C ASN E 39 -26.87 26.06 -2.60
N GLN E 40 -25.72 26.65 -2.29
CA GLN E 40 -25.15 27.66 -3.19
C GLN E 40 -23.71 27.39 -3.62
N LYS E 41 -22.77 27.42 -2.68
CA LYS E 41 -21.37 27.27 -3.03
C LYS E 41 -20.53 26.59 -1.96
N ILE E 42 -19.39 26.05 -2.38
CA ILE E 42 -18.39 25.52 -1.47
C ILE E 42 -16.98 25.84 -1.97
N VAL E 43 -16.10 26.18 -1.04
CA VAL E 43 -14.68 26.27 -1.34
C VAL E 43 -13.96 25.32 -0.38
N ALA E 44 -13.16 24.43 -0.94
CA ALA E 44 -12.44 23.44 -0.16
C ALA E 44 -11.07 23.21 -0.78
N TYR E 45 -10.25 22.38 -0.16
CA TYR E 45 -8.95 22.06 -0.72
C TYR E 45 -8.40 20.71 -0.30
N LYS E 46 -7.49 20.21 -1.14
CA LYS E 46 -6.68 19.03 -0.87
C LYS E 46 -5.20 19.40 -1.08
N ASN E 47 -4.39 19.13 -0.07
CA ASN E 47 -2.94 19.26 -0.21
C ASN E 47 -2.36 18.15 -1.09
N ILE E 48 -1.44 18.52 -1.98
CA ILE E 48 -0.78 17.56 -2.88
C ILE E 48 0.66 17.35 -2.40
N THR E 49 1.01 16.10 -2.11
CA THR E 49 2.35 15.77 -1.60
C THR E 49 2.92 14.63 -2.41
N PHE E 50 4.25 14.52 -2.48
CA PHE E 50 4.87 13.37 -3.12
C PHE E 50 4.50 12.05 -2.40
N ASN E 51 4.24 12.14 -1.10
CA ASN E 51 3.91 10.99 -0.25
C ASN E 51 2.51 10.38 -0.50
N GLU E 52 2.09 10.38 -1.76
CA GLU E 52 0.83 9.79 -2.15
C GLU E 52 1.11 8.63 -3.09
N ASP E 53 0.39 7.52 -2.88
CA ASP E 53 0.62 6.28 -3.63
C ASP E 53 0.41 6.43 -5.14
N VAL E 54 -0.53 7.29 -5.55
CA VAL E 54 -0.80 7.57 -6.98
C VAL E 54 0.46 7.90 -7.76
N PHE E 55 1.38 8.59 -7.09
CA PHE E 55 2.59 9.12 -7.74
C PHE E 55 3.59 8.05 -8.17
N ASN E 56 3.49 6.86 -7.57
CA ASN E 56 4.25 5.70 -8.03
C ASN E 56 3.99 5.38 -9.51
N GLY E 57 2.76 5.63 -9.96
CA GLY E 57 2.36 5.31 -11.32
C GLY E 57 2.10 6.47 -12.27
N HIS E 58 2.09 7.69 -11.74
CA HIS E 58 1.64 8.84 -12.51
C HIS E 58 2.48 10.10 -12.27
N PHE E 59 3.69 10.19 -12.84
CA PHE E 59 4.36 9.12 -13.57
C PHE E 59 5.72 8.89 -12.90
N PRO E 60 6.35 7.72 -13.12
CA PRO E 60 7.72 7.54 -12.56
C PRO E 60 8.67 8.67 -13.01
N ASN E 61 9.35 9.29 -12.04
CA ASN E 61 10.27 10.42 -12.28
C ASN E 61 9.61 11.76 -12.65
N LYS E 62 8.30 11.75 -12.86
CA LYS E 62 7.55 12.98 -13.14
C LYS E 62 6.16 12.95 -12.47
N PRO E 63 6.11 13.26 -11.16
CA PRO E 63 4.83 13.20 -10.42
C PRO E 63 3.82 14.26 -10.86
N ILE E 64 2.72 13.81 -11.44
CA ILE E 64 1.64 14.68 -11.90
C ILE E 64 0.33 14.17 -11.32
N PHE E 65 -0.33 15.01 -10.51
CA PHE E 65 -1.61 14.63 -9.93
C PHE E 65 -2.66 14.42 -11.04
N PRO E 66 -3.24 13.20 -11.12
CA PRO E 66 -4.13 12.86 -12.23
C PRO E 66 -5.33 13.81 -12.33
N GLY E 67 -5.59 14.29 -13.55
CA GLY E 67 -6.73 15.14 -13.84
C GLY E 67 -8.07 14.57 -13.40
N VAL E 68 -8.28 13.26 -13.58
CA VAL E 68 -9.52 12.60 -13.15
C VAL E 68 -9.72 12.63 -11.63
N LEU E 69 -8.64 12.78 -10.87
CA LEU E 69 -8.74 12.85 -9.41
C LEU E 69 -9.03 14.27 -8.92
N ILE E 70 -8.65 15.25 -9.73
CA ILE E 70 -9.04 16.65 -9.51
C ILE E 70 -10.55 16.76 -9.64
N VAL E 71 -11.11 16.19 -10.69
CA VAL E 71 -12.56 16.11 -10.90
C VAL E 71 -13.25 15.36 -9.74
N GLU E 72 -12.67 14.22 -9.35
CA GLU E 72 -13.13 13.47 -8.19
C GLU E 72 -13.20 14.31 -6.92
N GLY E 73 -12.14 15.06 -6.61
CA GLY E 73 -12.11 15.95 -5.46
C GLY E 73 -13.13 17.08 -5.52
N MET E 74 -13.36 17.60 -6.73
CA MET E 74 -14.40 18.60 -6.99
C MET E 74 -15.79 18.01 -6.72
N ALA E 75 -16.00 16.76 -7.13
CA ALA E 75 -17.24 16.04 -6.88
C ALA E 75 -17.49 15.81 -5.39
N GLN E 76 -16.42 15.45 -4.68
CA GLN E 76 -16.51 15.21 -3.24
C GLN E 76 -16.82 16.50 -2.47
N SER E 77 -16.29 17.61 -2.96
CA SER E 77 -16.61 18.95 -2.44
C SER E 77 -18.08 19.29 -2.66
N GLY E 78 -18.59 19.05 -3.86
CA GLY E 78 -20.01 19.20 -4.18
C GLY E 78 -20.89 18.29 -3.35
N GLY E 79 -20.41 17.07 -3.10
CA GLY E 79 -21.12 16.08 -2.30
C GLY E 79 -21.21 16.44 -0.83
N PHE E 80 -20.18 17.10 -0.30
CA PHE E 80 -20.23 17.60 1.06
C PHE E 80 -21.24 18.73 1.17
N LEU E 81 -21.20 19.64 0.18
CA LEU E 81 -22.15 20.73 0.07
C LEU E 81 -23.57 20.19 -0.06
N ALA E 82 -23.75 19.21 -0.93
CA ALA E 82 -25.05 18.58 -1.16
C ALA E 82 -25.65 17.98 0.11
N PHE E 83 -24.85 17.24 0.88
CA PHE E 83 -25.36 16.53 2.04
C PHE E 83 -25.76 17.46 3.17
N THR E 84 -24.87 18.39 3.52
CA THR E 84 -25.11 19.32 4.60
C THR E 84 -26.22 20.33 4.26
N SER E 85 -26.44 20.56 2.96
CA SER E 85 -27.56 21.39 2.50
C SER E 85 -28.88 20.65 2.69
N LEU E 86 -28.85 19.33 2.59
CA LEU E 86 -30.02 18.47 2.76
C LEU E 86 -30.37 18.24 4.23
N TRP E 87 -29.42 17.71 5.00
CA TRP E 87 -29.67 17.27 6.37
C TRP E 87 -28.89 18.02 7.44
N GLY E 88 -28.15 19.06 7.02
CA GLY E 88 -27.22 19.74 7.92
C GLY E 88 -26.05 18.83 8.29
N PHE E 89 -25.32 19.19 9.34
CA PHE E 89 -24.22 18.36 9.80
C PHE E 89 -24.74 17.22 10.69
N ASP E 90 -25.08 16.11 10.05
CA ASP E 90 -25.62 14.94 10.74
C ASP E 90 -24.88 13.65 10.35
N PRO E 91 -23.82 13.30 11.10
CA PRO E 91 -23.04 12.09 10.86
C PRO E 91 -23.81 10.76 10.93
N GLU E 92 -24.87 10.70 11.73
CA GLU E 92 -25.67 9.47 11.85
C GLU E 92 -26.49 9.18 10.59
N ILE E 93 -27.00 10.23 9.96
CA ILE E 93 -27.66 10.11 8.66
C ILE E 93 -26.61 9.83 7.56
N ALA E 94 -25.46 10.48 7.67
CA ALA E 94 -24.41 10.40 6.67
C ALA E 94 -23.78 9.01 6.50
N LYS E 95 -23.63 8.26 7.60
CA LYS E 95 -22.86 7.02 7.55
C LYS E 95 -23.48 5.88 6.72
N THR E 96 -24.71 6.07 6.26
CA THR E 96 -25.35 5.05 5.42
C THR E 96 -25.60 5.53 4.00
N LYS E 97 -25.06 6.71 3.68
CA LYS E 97 -25.16 7.28 2.33
C LYS E 97 -23.92 6.97 1.50
N ILE E 98 -24.12 6.90 0.18
CA ILE E 98 -23.01 6.85 -0.78
C ILE E 98 -23.29 7.89 -1.86
N VAL E 99 -22.30 8.12 -2.73
CA VAL E 99 -22.41 9.11 -3.81
C VAL E 99 -22.02 8.50 -5.15
N TYR E 100 -22.93 8.57 -6.12
CA TYR E 100 -22.66 8.14 -7.49
C TYR E 100 -22.51 9.33 -8.42
N PHE E 101 -21.44 9.30 -9.22
CA PHE E 101 -21.33 10.14 -10.39
C PHE E 101 -22.41 9.77 -11.39
N MET E 102 -23.07 10.78 -11.93
CA MET E 102 -24.04 10.57 -13.00
C MET E 102 -23.49 11.05 -14.33
N THR E 103 -23.01 12.30 -14.36
CA THR E 103 -22.44 12.88 -15.57
C THR E 103 -21.22 13.75 -15.26
N ILE E 104 -20.40 13.96 -16.28
CA ILE E 104 -19.28 14.89 -16.24
C ILE E 104 -19.27 15.62 -17.59
N ASP E 105 -19.20 16.94 -17.56
CA ASP E 105 -19.17 17.74 -18.79
C ASP E 105 -18.22 18.92 -18.67
N LYS E 106 -17.75 19.36 -19.84
CA LYS E 106 -17.05 20.65 -20.00
C LYS E 106 -15.86 20.79 -19.07
N VAL E 107 -15.07 19.72 -18.95
CA VAL E 107 -13.85 19.81 -18.16
C VAL E 107 -12.68 20.16 -19.06
N LYS E 108 -11.87 21.10 -18.58
CA LYS E 108 -10.67 21.52 -19.27
C LYS E 108 -9.57 21.57 -18.22
N PHE E 109 -8.43 20.98 -18.54
CA PHE E 109 -7.23 21.05 -17.68
C PHE E 109 -6.24 22.04 -18.28
N ARG E 110 -5.83 23.02 -17.50
CA ARG E 110 -5.00 24.12 -18.02
C ARG E 110 -3.54 24.02 -17.57
N ILE E 111 -3.33 23.66 -16.31
CA ILE E 111 -2.01 23.61 -15.69
C ILE E 111 -1.88 22.29 -14.92
N PRO E 112 -0.76 21.56 -15.12
CA PRO E 112 -0.48 20.36 -14.32
C PRO E 112 -0.41 20.63 -12.83
N VAL E 113 -0.90 19.69 -12.03
CA VAL E 113 -0.84 19.78 -10.58
C VAL E 113 0.24 18.84 -10.05
N THR E 114 1.11 19.37 -9.19
CA THR E 114 2.30 18.64 -8.74
C THR E 114 2.44 18.66 -7.21
N PRO E 115 3.23 17.73 -6.63
CA PRO E 115 3.56 17.75 -5.21
C PRO E 115 3.97 19.13 -4.70
N GLY E 116 3.44 19.53 -3.56
CA GLY E 116 3.66 20.88 -3.04
C GLY E 116 2.55 21.86 -3.35
N ASP E 117 1.63 21.47 -4.24
CA ASP E 117 0.46 22.31 -4.56
C ASP E 117 -0.66 22.17 -3.55
N ARG E 118 -1.31 23.29 -3.26
CA ARG E 118 -2.53 23.30 -2.47
C ARG E 118 -3.67 23.40 -3.48
N LEU E 119 -4.38 22.29 -3.68
CA LEU E 119 -5.41 22.22 -4.71
C LEU E 119 -6.76 22.69 -4.18
N GLU E 120 -7.17 23.88 -4.61
CA GLU E 120 -8.38 24.52 -4.10
C GLU E 120 -9.58 24.25 -5.01
N TYR E 121 -10.64 23.66 -4.45
CA TYR E 121 -11.87 23.39 -5.17
C TYR E 121 -12.90 24.51 -4.94
N HIS E 122 -13.42 25.06 -6.03
CA HIS E 122 -14.49 26.06 -5.98
C HIS E 122 -15.67 25.54 -6.75
N LEU E 123 -16.71 25.13 -6.04
CA LEU E 123 -17.93 24.63 -6.68
C LEU E 123 -19.11 25.54 -6.40
N GLU E 124 -19.95 25.72 -7.40
CA GLU E 124 -21.23 26.38 -7.26
C GLU E 124 -22.31 25.45 -7.75
N VAL E 125 -23.45 25.46 -7.05
CA VAL E 125 -24.61 24.66 -7.43
C VAL E 125 -25.26 25.28 -8.66
N LEU E 126 -25.32 24.50 -9.75
CA LEU E 126 -25.96 24.95 -10.98
C LEU E 126 -27.44 24.57 -10.98
N LYS E 127 -27.74 23.44 -10.36
CA LYS E 127 -29.10 22.92 -10.26
C LYS E 127 -29.12 21.73 -9.30
N HIS E 128 -30.11 21.71 -8.41
CA HIS E 128 -30.32 20.58 -7.54
C HIS E 128 -31.81 20.27 -7.40
N LYS E 129 -32.12 18.97 -7.39
CA LYS E 129 -33.48 18.48 -7.19
C LYS E 129 -33.39 17.19 -6.40
N GLY E 130 -33.79 17.25 -5.14
CA GLY E 130 -33.73 16.11 -4.25
C GLY E 130 -32.30 15.67 -4.04
N MET E 131 -32.02 14.43 -4.43
CA MET E 131 -30.70 13.80 -4.27
C MET E 131 -29.74 14.12 -5.41
N ILE E 132 -30.27 14.67 -6.50
CA ILE E 132 -29.49 14.93 -7.71
C ILE E 132 -28.94 16.35 -7.74
N TRP E 133 -27.63 16.46 -7.59
CA TRP E 133 -26.96 17.75 -7.49
C TRP E 133 -26.03 17.98 -8.68
N GLN E 134 -26.25 19.10 -9.38
CA GLN E 134 -25.39 19.50 -10.47
C GLN E 134 -24.55 20.70 -10.08
N VAL E 135 -23.25 20.48 -9.95
CA VAL E 135 -22.32 21.52 -9.55
C VAL E 135 -21.30 21.79 -10.65
N GLY E 136 -20.79 23.01 -10.69
CA GLY E 136 -19.77 23.37 -11.64
C GLY E 136 -18.82 24.34 -10.98
N GLY E 137 -17.57 24.37 -11.45
CA GLY E 137 -16.59 25.32 -10.95
C GLY E 137 -15.19 25.06 -11.43
N THR E 138 -14.23 25.40 -10.58
CA THR E 138 -12.81 25.31 -10.91
C THR E 138 -11.99 24.70 -9.79
N ALA E 139 -10.83 24.15 -10.16
CA ALA E 139 -9.77 23.84 -9.22
C ALA E 139 -8.69 24.91 -9.41
N GLN E 140 -8.07 25.32 -8.31
CA GLN E 140 -7.10 26.41 -8.34
C GLN E 140 -5.84 26.14 -7.52
N VAL E 141 -4.71 26.66 -8.00
CA VAL E 141 -3.45 26.62 -7.27
C VAL E 141 -2.81 28.01 -7.31
N ASP E 142 -2.61 28.58 -6.12
CA ASP E 142 -2.07 29.94 -5.97
C ASP E 142 -2.88 30.98 -6.76
N GLY E 143 -4.20 30.88 -6.67
CA GLY E 143 -5.11 31.81 -7.33
C GLY E 143 -5.31 31.63 -8.84
N LYS E 144 -4.65 30.63 -9.41
CA LYS E 144 -4.78 30.34 -10.85
C LYS E 144 -5.63 29.11 -11.13
N VAL E 145 -6.47 29.19 -12.16
CA VAL E 145 -7.34 28.08 -12.55
C VAL E 145 -6.53 27.00 -13.27
N VAL E 146 -6.47 25.83 -12.64
CA VAL E 146 -5.77 24.66 -13.20
C VAL E 146 -6.75 23.71 -13.90
N ALA E 147 -8.04 23.83 -13.59
CA ALA E 147 -9.09 22.96 -14.11
C ALA E 147 -10.49 23.55 -13.96
N GLU E 148 -11.35 23.25 -14.94
CA GLU E 148 -12.75 23.61 -14.93
C GLU E 148 -13.54 22.32 -15.04
N ALA E 149 -14.72 22.27 -14.43
CA ALA E 149 -15.56 21.06 -14.52
C ALA E 149 -17.01 21.32 -14.17
N GLU E 150 -17.87 20.60 -14.87
CA GLU E 150 -19.29 20.54 -14.58
C GLU E 150 -19.61 19.07 -14.33
N LEU E 151 -20.37 18.80 -13.27
CA LEU E 151 -20.73 17.42 -12.93
C LEU E 151 -22.07 17.30 -12.23
N LYS E 152 -22.67 16.13 -12.38
CA LYS E 152 -23.92 15.79 -11.72
C LYS E 152 -23.70 14.53 -10.91
N ALA E 153 -24.02 14.60 -9.62
CA ALA E 153 -23.90 13.47 -8.71
C ALA E 153 -25.22 13.20 -7.99
N MET E 154 -25.40 11.95 -7.59
CA MET E 154 -26.57 11.53 -6.84
C MET E 154 -26.17 10.97 -5.49
N ILE E 155 -26.82 11.47 -4.43
CA ILE E 155 -26.69 10.90 -3.09
C ILE E 155 -27.68 9.75 -2.96
N ALA E 156 -27.24 8.63 -2.41
CA ALA E 156 -28.10 7.45 -2.27
C ALA E 156 -27.86 6.71 -0.97
N GLU E 157 -28.95 6.23 -0.38
CA GLU E 157 -28.89 5.35 0.79
C GLU E 157 -28.24 4.00 0.41
N ARG E 158 -27.21 3.60 1.14
CA ARG E 158 -26.62 2.26 0.98
C ARG E 158 -27.73 1.24 1.14
N GLU E 159 -27.91 0.39 0.14
CA GLU E 159 -28.90 -0.66 0.30
C GLU E 159 -28.40 -2.03 -0.13
N GLN F 11 -3.45 -9.22 -30.91
CA GLN F 11 -3.67 -8.75 -29.51
C GLN F 11 -2.38 -8.25 -28.86
N PHE F 12 -2.51 -7.21 -28.02
CA PHE F 12 -1.40 -6.74 -27.20
C PHE F 12 -1.68 -7.10 -25.75
N PHE F 13 -0.67 -7.64 -25.08
CA PHE F 13 -0.81 -8.07 -23.71
C PHE F 13 -0.16 -7.05 -22.78
N ILE F 14 -0.26 -7.28 -21.47
CA ILE F 14 0.23 -6.32 -20.49
C ILE F 14 1.71 -5.89 -20.73
N GLU F 15 2.54 -6.86 -21.06
CA GLU F 15 3.95 -6.64 -21.43
C GLU F 15 4.14 -5.64 -22.58
N HIS F 16 3.28 -5.74 -23.60
CA HIS F 16 3.26 -4.78 -24.70
C HIS F 16 2.72 -3.41 -24.28
N ILE F 17 1.64 -3.41 -23.48
CA ILE F 17 1.05 -2.18 -22.94
C ILE F 17 2.07 -1.37 -22.14
N LEU F 18 2.87 -2.07 -21.34
CA LEU F 18 3.91 -1.47 -20.50
C LEU F 18 5.05 -0.82 -21.31
N GLN F 19 5.26 -1.32 -22.52
CA GLN F 19 6.30 -0.79 -23.39
C GLN F 19 5.84 0.48 -24.10
N ILE F 20 4.54 0.72 -24.13
CA ILE F 20 3.99 1.90 -24.81
C ILE F 20 3.49 2.97 -23.86
N LEU F 21 2.61 2.61 -22.94
CA LEU F 21 2.05 3.57 -21.98
C LEU F 21 3.02 3.87 -20.86
N PRO F 22 3.15 5.16 -20.45
CA PRO F 22 4.04 5.50 -19.34
C PRO F 22 3.45 5.20 -17.96
N HIS F 23 2.13 4.98 -17.91
CA HIS F 23 1.42 4.75 -16.65
C HIS F 23 1.91 3.48 -15.94
N ARG F 24 2.04 3.55 -14.63
CA ARG F 24 2.42 2.39 -13.83
C ARG F 24 1.46 2.25 -12.66
N TYR F 25 1.69 1.23 -11.83
CA TYR F 25 0.87 0.98 -10.65
C TYR F 25 0.89 2.15 -9.66
N PRO F 26 -0.27 2.56 -9.11
CA PRO F 26 -1.62 2.04 -9.31
C PRO F 26 -2.47 2.85 -10.30
N MET F 27 -1.85 3.35 -11.36
CA MET F 27 -2.55 4.17 -12.34
C MET F 27 -2.50 3.62 -13.76
N LEU F 28 -2.11 2.35 -13.91
CA LEU F 28 -2.19 1.65 -15.19
C LEU F 28 -3.47 0.80 -15.22
N LEU F 29 -4.45 1.29 -15.98
CA LEU F 29 -5.83 0.79 -15.89
C LEU F 29 -6.34 0.11 -17.17
N VAL F 30 -5.40 -0.47 -17.93
CA VAL F 30 -5.70 -1.31 -19.11
C VAL F 30 -4.86 -2.58 -19.00
N ASP F 31 -5.51 -3.74 -19.13
CA ASP F 31 -4.82 -5.04 -19.04
C ASP F 31 -4.48 -5.70 -20.38
N ARG F 32 -5.33 -5.49 -21.38
CA ARG F 32 -5.18 -6.16 -22.68
C ARG F 32 -5.83 -5.36 -23.81
N ILE F 33 -5.20 -5.34 -24.98
CA ILE F 33 -5.78 -4.75 -26.20
C ILE F 33 -6.24 -5.89 -27.09
N THR F 34 -7.52 -5.92 -27.42
CA THR F 34 -8.09 -6.98 -28.26
C THR F 34 -8.23 -6.59 -29.75
N GLU F 35 -8.47 -5.30 -30.02
CA GLU F 35 -8.61 -4.78 -31.38
C GLU F 35 -7.90 -3.44 -31.56
N LEU F 36 -7.15 -3.31 -32.65
CA LEU F 36 -6.48 -2.05 -32.99
C LEU F 36 -6.57 -1.76 -34.48
N GLN F 37 -7.13 -0.60 -34.81
CA GLN F 37 -7.14 -0.11 -36.19
C GLN F 37 -6.59 1.30 -36.21
N ALA F 38 -5.38 1.46 -36.73
CA ALA F 38 -4.67 2.74 -36.77
C ALA F 38 -5.57 3.87 -37.27
N ASN F 39 -5.63 4.97 -36.52
CA ASN F 39 -6.40 6.17 -36.87
C ASN F 39 -7.92 5.99 -36.94
N GLN F 40 -8.40 4.88 -36.38
CA GLN F 40 -9.82 4.54 -36.47
C GLN F 40 -10.40 4.22 -35.10
N LYS F 41 -9.99 3.10 -34.51
CA LYS F 41 -10.58 2.64 -33.27
C LYS F 41 -9.70 1.67 -32.48
N ILE F 42 -10.06 1.47 -31.22
CA ILE F 42 -9.41 0.51 -30.35
C ILE F 42 -10.45 -0.12 -29.42
N VAL F 43 -10.31 -1.42 -29.20
CA VAL F 43 -11.07 -2.12 -28.17
C VAL F 43 -10.08 -2.76 -27.21
N ALA F 44 -10.23 -2.48 -25.92
CA ALA F 44 -9.35 -2.96 -24.88
C ALA F 44 -10.16 -3.27 -23.64
N TYR F 45 -9.53 -3.85 -22.63
CA TYR F 45 -10.22 -4.05 -21.36
C TYR F 45 -9.31 -4.04 -20.13
N LYS F 46 -9.95 -3.81 -18.99
CA LYS F 46 -9.35 -3.97 -17.69
C LYS F 46 -10.24 -4.89 -16.86
N ASN F 47 -9.63 -5.91 -16.24
CA ASN F 47 -10.34 -6.73 -15.27
C ASN F 47 -10.54 -5.97 -13.96
N ILE F 48 -11.72 -6.14 -13.37
CA ILE F 48 -12.03 -5.53 -12.08
C ILE F 48 -12.11 -6.64 -11.04
N THR F 49 -11.25 -6.51 -10.02
CA THR F 49 -11.18 -7.50 -8.94
C THR F 49 -11.31 -6.79 -7.60
N PHE F 50 -11.76 -7.50 -6.57
CA PHE F 50 -11.78 -6.93 -5.23
C PHE F 50 -10.39 -6.56 -4.71
N ASN F 51 -9.38 -7.32 -5.17
CA ASN F 51 -7.99 -7.17 -4.75
C ASN F 51 -7.28 -5.91 -5.30
N GLU F 52 -8.00 -4.80 -5.35
CA GLU F 52 -7.44 -3.51 -5.78
C GLU F 52 -7.57 -2.52 -4.63
N ASP F 53 -6.55 -1.68 -4.44
CA ASP F 53 -6.46 -0.78 -3.30
C ASP F 53 -7.59 0.26 -3.27
N VAL F 54 -8.02 0.72 -4.44
CA VAL F 54 -9.12 1.69 -4.53
C VAL F 54 -10.37 1.30 -3.73
N PHE F 55 -10.69 0.00 -3.71
CA PHE F 55 -11.93 -0.47 -3.09
C PHE F 55 -11.94 -0.32 -1.57
N ASN F 56 -10.77 -0.09 -0.97
CA ASN F 56 -10.68 0.25 0.45
C ASN F 56 -11.42 1.56 0.76
N GLY F 57 -11.39 2.50 -0.19
CA GLY F 57 -12.01 3.80 0.01
C GLY F 57 -13.22 4.12 -0.85
N HIS F 58 -13.63 3.19 -1.70
CA HIS F 58 -14.71 3.47 -2.65
C HIS F 58 -15.65 2.28 -2.93
N PHE F 59 -16.50 1.91 -1.97
CA PHE F 59 -16.60 2.51 -0.65
C PHE F 59 -16.42 1.37 0.35
N PRO F 60 -16.16 1.69 1.62
CA PRO F 60 -16.15 0.59 2.60
C PRO F 60 -17.46 -0.20 2.56
N ASN F 61 -17.35 -1.54 2.56
CA ASN F 61 -18.53 -2.41 2.51
C ASN F 61 -19.37 -2.29 1.22
N LYS F 62 -18.85 -1.57 0.23
CA LYS F 62 -19.58 -1.34 -1.02
C LYS F 62 -18.60 -1.06 -2.16
N PRO F 63 -17.98 -2.12 -2.73
CA PRO F 63 -16.99 -1.93 -3.80
C PRO F 63 -17.63 -1.46 -5.11
N ILE F 64 -17.32 -0.22 -5.48
CA ILE F 64 -17.78 0.37 -6.73
C ILE F 64 -16.56 1.01 -7.41
N PHE F 65 -16.22 0.53 -8.61
CA PHE F 65 -15.08 1.06 -9.36
C PHE F 65 -15.38 2.52 -9.72
N PRO F 66 -14.47 3.44 -9.35
CA PRO F 66 -14.74 4.87 -9.56
C PRO F 66 -14.99 5.24 -11.01
N GLY F 67 -16.04 6.04 -11.22
CA GLY F 67 -16.40 6.54 -12.54
C GLY F 67 -15.25 7.26 -13.22
N VAL F 68 -14.47 8.01 -12.44
CA VAL F 68 -13.34 8.77 -12.99
C VAL F 68 -12.23 7.86 -13.51
N LEU F 69 -12.13 6.65 -12.92
CA LEU F 69 -11.14 5.66 -13.29
C LEU F 69 -11.57 4.85 -14.51
N ILE F 70 -12.88 4.78 -14.74
CA ILE F 70 -13.42 4.26 -16.00
C ILE F 70 -12.99 5.17 -17.14
N VAL F 71 -13.18 6.48 -16.94
CA VAL F 71 -12.76 7.50 -17.90
C VAL F 71 -11.23 7.47 -18.13
N GLU F 72 -10.46 7.35 -17.04
CA GLU F 72 -9.01 7.23 -17.11
C GLU F 72 -8.58 6.01 -17.97
N GLY F 73 -9.21 4.87 -17.72
CA GLY F 73 -8.97 3.66 -18.52
C GLY F 73 -9.33 3.83 -19.99
N MET F 74 -10.36 4.63 -20.27
CA MET F 74 -10.73 4.97 -21.64
C MET F 74 -9.68 5.89 -22.28
N ALA F 75 -9.21 6.87 -21.51
CA ALA F 75 -8.15 7.79 -21.94
C ALA F 75 -6.85 7.08 -22.27
N GLN F 76 -6.50 6.09 -21.44
CA GLN F 76 -5.30 5.27 -21.66
C GLN F 76 -5.44 4.40 -22.90
N SER F 77 -6.62 3.81 -23.10
CA SER F 77 -6.92 3.08 -24.33
C SER F 77 -6.77 3.98 -25.56
N GLY F 78 -7.35 5.18 -25.48
CA GLY F 78 -7.20 6.20 -26.53
C GLY F 78 -5.74 6.57 -26.74
N GLY F 79 -4.99 6.66 -25.64
CA GLY F 79 -3.56 6.96 -25.69
C GLY F 79 -2.73 5.90 -26.39
N PHE F 80 -3.04 4.63 -26.15
CA PHE F 80 -2.36 3.52 -26.83
C PHE F 80 -2.60 3.59 -28.34
N LEU F 81 -3.85 3.91 -28.71
CA LEU F 81 -4.23 4.10 -30.10
C LEU F 81 -3.46 5.26 -30.72
N ALA F 82 -3.31 6.35 -29.96
CA ALA F 82 -2.58 7.54 -30.37
C ALA F 82 -1.08 7.28 -30.56
N PHE F 83 -0.43 6.69 -29.55
CA PHE F 83 0.98 6.30 -29.65
C PHE F 83 1.26 5.50 -30.91
N THR F 84 0.46 4.45 -31.14
CA THR F 84 0.76 3.50 -32.19
C THR F 84 0.34 3.97 -33.59
N SER F 85 -0.70 4.79 -33.67
CA SER F 85 -1.07 5.42 -34.94
C SER F 85 0.03 6.37 -35.40
N LEU F 86 0.69 7.00 -34.42
CA LEU F 86 1.71 8.01 -34.66
C LEU F 86 3.04 7.36 -35.05
N TRP F 87 3.52 6.44 -34.22
CA TRP F 87 4.85 5.87 -34.39
C TRP F 87 4.91 4.35 -34.55
N GLY F 88 3.74 3.70 -34.63
CA GLY F 88 3.69 2.24 -34.61
C GLY F 88 4.12 1.71 -33.25
N PHE F 89 4.34 0.41 -33.15
CA PHE F 89 4.81 -0.19 -31.92
C PHE F 89 6.31 0.07 -31.76
N ASP F 90 6.62 1.19 -31.09
CA ASP F 90 8.00 1.62 -30.91
C ASP F 90 8.24 2.00 -29.45
N PRO F 91 8.71 1.03 -28.63
CA PRO F 91 9.01 1.27 -27.22
C PRO F 91 10.08 2.34 -26.98
N GLU F 92 10.98 2.52 -27.94
CA GLU F 92 12.06 3.50 -27.82
C GLU F 92 11.56 4.94 -27.78
N ILE F 93 10.72 5.31 -28.76
CA ILE F 93 10.07 6.62 -28.77
C ILE F 93 9.12 6.75 -27.56
N ALA F 94 8.32 5.71 -27.33
CA ALA F 94 7.36 5.67 -26.22
C ALA F 94 7.99 6.03 -24.87
N LYS F 95 9.19 5.51 -24.61
CA LYS F 95 9.84 5.68 -23.29
C LYS F 95 10.21 7.12 -22.93
N THR F 96 10.15 8.03 -23.90
CA THR F 96 10.45 9.44 -23.66
C THR F 96 9.20 10.29 -23.42
N LYS F 97 8.03 9.74 -23.72
CA LYS F 97 6.78 10.49 -23.72
C LYS F 97 5.95 10.26 -22.46
N ILE F 98 5.07 11.22 -22.16
CA ILE F 98 4.01 11.08 -21.17
C ILE F 98 2.68 11.53 -21.80
N VAL F 99 1.58 11.43 -21.05
CA VAL F 99 0.26 11.83 -21.55
C VAL F 99 -0.46 12.78 -20.60
N TYR F 100 -0.88 13.92 -21.12
CA TYR F 100 -1.72 14.87 -20.38
C TYR F 100 -3.17 14.81 -20.86
N PHE F 101 -4.09 14.79 -19.91
CA PHE F 101 -5.50 15.06 -20.18
C PHE F 101 -5.68 16.54 -20.52
N MET F 102 -6.43 16.82 -21.59
CA MET F 102 -6.75 18.19 -21.97
C MET F 102 -8.20 18.54 -21.64
N THR F 103 -9.13 17.72 -22.14
CA THR F 103 -10.55 17.92 -21.91
C THR F 103 -11.30 16.60 -21.68
N ILE F 104 -12.37 16.66 -20.91
CA ILE F 104 -13.35 15.57 -20.79
C ILE F 104 -14.74 16.18 -21.02
N ASP F 105 -15.56 15.49 -21.81
CA ASP F 105 -16.91 15.97 -22.10
C ASP F 105 -17.90 14.83 -22.41
N LYS F 106 -19.19 15.11 -22.19
CA LYS F 106 -20.29 14.21 -22.53
C LYS F 106 -20.14 12.82 -21.91
N VAL F 107 -19.73 12.78 -20.66
CA VAL F 107 -19.65 11.51 -19.94
C VAL F 107 -20.93 11.22 -19.14
N LYS F 108 -21.40 9.98 -19.29
CA LYS F 108 -22.59 9.51 -18.59
C LYS F 108 -22.30 8.13 -18.04
N PHE F 109 -22.64 7.92 -16.77
CA PHE F 109 -22.53 6.63 -16.14
C PHE F 109 -23.92 6.00 -16.00
N ARG F 110 -24.08 4.78 -16.48
CA ARG F 110 -25.38 4.12 -16.51
C ARG F 110 -25.48 2.98 -15.50
N ILE F 111 -24.45 2.14 -15.48
CA ILE F 111 -24.42 0.97 -14.61
C ILE F 111 -23.12 1.00 -13.79
N PRO F 112 -23.21 0.79 -12.47
CA PRO F 112 -22.01 0.69 -11.64
C PRO F 112 -21.12 -0.51 -12.02
N VAL F 113 -19.81 -0.32 -11.92
CA VAL F 113 -18.83 -1.36 -12.24
C VAL F 113 -18.28 -1.90 -10.92
N THR F 114 -18.25 -3.23 -10.78
CA THR F 114 -17.93 -3.87 -9.50
C THR F 114 -16.93 -5.02 -9.69
N PRO F 115 -16.26 -5.46 -8.60
CA PRO F 115 -15.38 -6.65 -8.69
C PRO F 115 -16.02 -7.84 -9.41
N GLY F 116 -15.28 -8.42 -10.34
CA GLY F 116 -15.78 -9.55 -11.14
C GLY F 116 -16.19 -9.13 -12.54
N ASP F 117 -16.23 -7.82 -12.77
CA ASP F 117 -16.56 -7.27 -14.08
C ASP F 117 -15.34 -7.18 -14.97
N ARG F 118 -15.58 -7.43 -16.25
CA ARG F 118 -14.60 -7.21 -17.30
C ARG F 118 -14.98 -5.86 -17.91
N LEU F 119 -14.18 -4.84 -17.60
CA LEU F 119 -14.42 -3.49 -18.08
C LEU F 119 -13.78 -3.26 -19.45
N GLU F 120 -14.61 -3.32 -20.49
CA GLU F 120 -14.17 -3.25 -21.88
C GLU F 120 -14.29 -1.83 -22.42
N TYR F 121 -13.20 -1.32 -22.99
CA TYR F 121 -13.17 0.04 -23.54
C TYR F 121 -13.31 0.01 -25.06
N HIS F 122 -14.24 0.81 -25.59
CA HIS F 122 -14.42 1.00 -27.03
C HIS F 122 -14.22 2.47 -27.37
N LEU F 123 -13.10 2.80 -28.01
CA LEU F 123 -12.80 4.18 -28.39
C LEU F 123 -12.56 4.30 -29.90
N GLU F 124 -13.12 5.34 -30.50
CA GLU F 124 -12.80 5.70 -31.87
C GLU F 124 -12.22 7.11 -31.91
N VAL F 125 -11.45 7.40 -32.95
CA VAL F 125 -10.86 8.72 -33.14
C VAL F 125 -11.92 9.67 -33.68
N LEU F 126 -12.13 10.78 -32.97
CA LEU F 126 -13.03 11.83 -33.43
C LEU F 126 -12.25 12.83 -34.27
N LYS F 127 -11.06 13.19 -33.77
CA LYS F 127 -10.16 14.14 -34.43
C LYS F 127 -8.75 14.00 -33.86
N HIS F 128 -7.75 14.25 -34.69
CA HIS F 128 -6.38 14.34 -34.23
C HIS F 128 -5.53 15.31 -35.07
N LYS F 129 -4.52 15.89 -34.42
CA LYS F 129 -3.56 16.78 -35.04
C LYS F 129 -2.29 16.72 -34.22
N GLY F 130 -1.21 16.23 -34.81
CA GLY F 130 0.06 16.10 -34.13
C GLY F 130 -0.06 15.24 -32.89
N MET F 131 0.21 15.83 -31.73
CA MET F 131 0.15 15.15 -30.44
C MET F 131 -1.23 15.24 -29.79
N ILE F 132 -2.08 16.13 -30.31
CA ILE F 132 -3.43 16.34 -29.76
C ILE F 132 -4.42 15.34 -30.36
N TRP F 133 -4.98 14.50 -29.48
CA TRP F 133 -5.91 13.46 -29.92
C TRP F 133 -7.25 13.55 -29.22
N GLN F 134 -8.32 13.60 -30.00
CA GLN F 134 -9.68 13.59 -29.46
C GLN F 134 -10.39 12.28 -29.79
N VAL F 135 -10.71 11.52 -28.74
CA VAL F 135 -11.39 10.23 -28.89
C VAL F 135 -12.73 10.20 -28.14
N GLY F 136 -13.58 9.27 -28.53
CA GLY F 136 -14.86 9.09 -27.86
C GLY F 136 -15.34 7.67 -28.01
N GLY F 137 -16.17 7.24 -27.08
CA GLY F 137 -16.79 5.93 -27.16
C GLY F 137 -17.47 5.54 -25.87
N THR F 138 -17.36 4.26 -25.53
CA THR F 138 -18.08 3.69 -24.40
C THR F 138 -17.20 2.74 -23.57
N ALA F 139 -17.63 2.47 -22.34
CA ALA F 139 -17.14 1.34 -21.56
C ALA F 139 -18.30 0.34 -21.45
N GLN F 140 -18.00 -0.94 -21.63
CA GLN F 140 -19.02 -1.98 -21.62
C GLN F 140 -18.68 -3.13 -20.69
N VAL F 141 -19.70 -3.69 -20.07
CA VAL F 141 -19.58 -4.91 -19.28
C VAL F 141 -20.63 -5.89 -19.80
N ASP F 142 -20.18 -7.05 -20.25
CA ASP F 142 -21.06 -8.10 -20.78
C ASP F 142 -22.00 -7.52 -21.84
N GLY F 143 -21.44 -6.80 -22.81
CA GLY F 143 -22.19 -6.25 -23.93
C GLY F 143 -23.06 -5.04 -23.64
N LYS F 144 -23.12 -4.62 -22.37
CA LYS F 144 -23.93 -3.46 -21.96
C LYS F 144 -23.08 -2.22 -21.70
N VAL F 145 -23.54 -1.08 -22.22
CA VAL F 145 -22.89 0.20 -22.02
C VAL F 145 -23.04 0.65 -20.57
N VAL F 146 -21.91 0.75 -19.86
CA VAL F 146 -21.91 1.23 -18.48
C VAL F 146 -21.54 2.70 -18.38
N ALA F 147 -20.89 3.21 -19.44
CA ALA F 147 -20.40 4.59 -19.49
C ALA F 147 -20.16 5.08 -20.91
N GLU F 148 -20.34 6.37 -21.11
CA GLU F 148 -19.99 7.05 -22.35
C GLU F 148 -19.05 8.18 -22.01
N ALA F 149 -18.13 8.50 -22.90
CA ALA F 149 -17.23 9.64 -22.68
C ALA F 149 -16.60 10.13 -23.97
N GLU F 150 -16.25 11.41 -23.98
CA GLU F 150 -15.39 11.97 -25.01
C GLU F 150 -14.26 12.66 -24.30
N LEU F 151 -13.07 12.59 -24.89
CA LEU F 151 -11.89 13.16 -24.25
C LEU F 151 -10.81 13.56 -25.25
N LYS F 152 -9.99 14.52 -24.84
CA LYS F 152 -8.86 14.97 -25.61
C LYS F 152 -7.60 14.87 -24.75
N ALA F 153 -6.55 14.28 -25.32
CA ALA F 153 -5.29 14.11 -24.62
C ALA F 153 -4.13 14.62 -25.47
N MET F 154 -3.06 15.02 -24.81
CA MET F 154 -1.84 15.43 -25.49
C MET F 154 -0.67 14.53 -25.07
N ILE F 155 0.08 14.07 -26.06
CA ILE F 155 1.34 13.35 -25.84
C ILE F 155 2.47 14.38 -25.80
N ALA F 156 3.32 14.28 -24.78
CA ALA F 156 4.42 15.24 -24.60
C ALA F 156 5.74 14.56 -24.23
N GLU F 157 6.85 15.24 -24.55
CA GLU F 157 8.18 14.82 -24.12
C GLU F 157 8.32 14.95 -22.61
N ARG F 158 8.90 13.94 -21.97
CA ARG F 158 9.02 13.90 -20.51
C ARG F 158 9.98 14.97 -19.99
CL CL G . -3.60 -19.64 6.34
C1 BEN H . 19.55 -34.07 3.15
C2 BEN H . 19.07 -34.44 1.88
C3 BEN H . 17.86 -35.14 1.76
C4 BEN H . 17.13 -35.47 2.90
C5 BEN H . 17.59 -35.11 4.16
C6 BEN H . 18.80 -34.41 4.28
C BEN H . 20.77 -33.38 3.28
N1 BEN H . 20.95 -32.41 4.14
N2 BEN H . 21.81 -33.73 2.53
C1 BEN I . 8.79 -33.61 8.47
C2 BEN I . 9.67 -33.28 7.43
C3 BEN I . 9.30 -33.50 6.11
C4 BEN I . 8.04 -34.06 5.82
C5 BEN I . 7.17 -34.40 6.85
C6 BEN I . 7.55 -34.17 8.18
C BEN I . 9.17 -33.39 9.80
N1 BEN I . 8.38 -33.68 10.82
N2 BEN I . 10.35 -32.86 10.08
CAG SAK J . -5.25 -23.24 12.40
CAE SAK J . -4.28 -24.14 12.88
CAO SAK J . -2.99 -24.16 12.29
OAC SAK J . -2.07 -25.03 12.75
CAF SAK J . -2.65 -23.29 11.24
CAH SAK J . -3.62 -22.38 10.76
CAR SAK J . -4.91 -22.36 11.35
CAU SAK J . -5.98 -21.38 10.85
OAM SAK J . -6.19 -20.28 11.79
CAK SAK J . -5.61 -20.78 9.48
CAN SAK J . -6.66 -19.71 9.12
OAB SAK J . -6.83 -19.53 7.91
CAT SAK J . -7.36 -18.99 10.09
CAS SAK J . -7.11 -19.33 11.44
CAJ SAK J . -7.78 -18.66 12.48
CAP SAK J . -8.73 -17.65 12.18
OAL SAK J . -9.31 -17.04 13.26
CAA SAK J . -10.55 -16.31 13.11
CAI SAK J . -8.98 -17.32 10.83
CAQ SAK J . -8.30 -17.97 9.79
OAD SAK J . -8.62 -17.58 8.53
CL CL K . 4.38 -18.64 -9.06
CL CL L . 3.04 12.16 17.40
C1 BEN M . 27.49 25.45 -4.72
C2 BEN M . 28.39 24.82 -3.85
C3 BEN M . 29.45 24.07 -4.37
C4 BEN M . 29.60 23.93 -5.75
C5 BEN M . 28.71 24.55 -6.62
C6 BEN M . 27.65 25.31 -6.10
C BEN M . 26.42 26.21 -4.20
N1 BEN M . 25.62 26.92 -4.99
N2 BEN M . 26.15 26.25 -2.91
CAG SAK N . 22.09 5.86 2.13
CAE SAK N . 22.28 4.48 2.08
CAO SAK N . 22.69 3.79 3.25
OAC SAK N . 22.89 2.45 3.21
CAF SAK N . 22.90 4.47 4.47
CAH SAK N . 22.71 5.87 4.52
CAR SAK N . 22.30 6.55 3.34
CAU SAK N . 22.06 8.07 3.39
OAM SAK N . 22.20 8.67 2.05
CAK SAK N . 20.67 8.43 3.93
CAN SAK N . 20.48 9.94 3.80
OAB SAK N . 19.71 10.45 4.64
CAT SAK N . 21.11 10.71 2.82
CAS SAK N . 22.00 10.02 1.95
CAJ SAK N . 22.68 10.72 0.94
CAP SAK N . 22.50 12.11 0.78
OAL SAK N . 23.18 12.68 -0.25
CAA SAK N . 22.62 13.81 -0.96
CAI SAK N . 21.61 12.78 1.64
CAQ SAK N . 20.91 12.10 2.65
OAD SAK N . 20.09 12.85 3.43
CL CL O . 17.66 6.57 9.32
CL CL P . -3.53 13.99 -16.25
C1 BEN Q . -34.74 17.11 0.66
C2 BEN Q . -34.58 17.97 1.75
C3 BEN Q . -34.13 17.48 2.99
C4 BEN Q . -33.83 16.13 3.13
C5 BEN Q . -33.98 15.26 2.06
C6 BEN Q . -34.43 15.75 0.83
C BEN Q . -35.19 17.59 -0.59
N1 BEN Q . -36.01 16.88 -1.36
N2 BEN Q . -34.86 18.79 -1.03
C1 BEN R . -19.53 25.55 -15.71
C2 BEN R . -20.28 24.91 -16.70
C3 BEN R . -21.56 25.39 -17.04
C4 BEN R . -22.08 26.51 -16.38
C5 BEN R . -21.32 27.14 -15.40
C6 BEN R . -20.06 26.67 -15.06
C BEN R . -18.25 25.07 -15.37
N1 BEN R . -17.68 25.39 -14.23
N2 BEN R . -17.53 24.32 -16.19
CL CL S . -18.60 6.71 -9.12
C1 BEN T . 8.39 6.71 -36.59
C2 BEN T . 9.14 7.85 -36.25
C3 BEN T . 8.77 9.10 -36.74
C4 BEN T . 7.65 9.22 -37.57
C5 BEN T . 6.90 8.09 -37.90
C6 BEN T . 7.27 6.85 -37.41
C BEN T . 8.75 5.45 -36.09
N1 BEN T . 9.76 5.29 -35.25
N2 BEN T . 8.09 4.36 -36.44
#